data_1YB5
#
_entry.id   1YB5
#
_cell.length_a   99.484
_cell.length_b   110.239
_cell.length_c   77.253
_cell.angle_alpha   90.00
_cell.angle_beta   90.00
_cell.angle_gamma   90.00
#
_symmetry.space_group_name_H-M   'P 21 21 2'
#
loop_
_entity.id
_entity.type
_entity.pdbx_description
1 polymer 'Quinone oxidoreductase'
2 non-polymer 'ACETATE ION'
3 non-polymer 'CHLORIDE ION'
4 non-polymer 'NADP NICOTINAMIDE-ADENINE-DINUCLEOTIDE PHOSPHATE'
5 non-polymer GLYCEROL
6 water water
#
_entity_poly.entity_id   1
_entity_poly.type   'polypeptide(L)'
_entity_poly.pdbx_seq_one_letter_code
;MHHHHHHSSGVDLGTENLYFQSMATGQKLMRAVRVFEFGGPEVLKLRSDIAVPIPKDHQVLIKVHACGVNPVETYIRSGT
YSRKPLLPYTPGSDVAGVIEAVGDNASAFKKGDRVFTSSTISGGYAEYALAADHTVYKLPEKLDFKQGAAIGIPYFTAYR
ALIHSACVKAGESVLVHGASGGVGLAACQIARAYGLKILGTAGTEEGQKIVLQNGAHEVFNHREVNYIDKIKKYVGEKGI
DIIIEMLANVNLSKDLSLLSHGGRVIVVGSRGTIEINPRDTMAKESSIIGVTLFSSTKEEFQQYAAALQAGMEIGWLKPV
IGSQYPLEKVAEAHENIIHGSGATGKMILLL
;
_entity_poly.pdbx_strand_id   A,B
#
# COMPACT_ATOMS: atom_id res chain seq x y z
N LYS A 28 -25.01 44.90 -8.90
CA LYS A 28 -23.69 44.34 -9.28
C LYS A 28 -22.73 44.09 -8.10
N LEU A 29 -23.12 44.44 -6.87
CA LEU A 29 -22.26 44.16 -5.68
C LEU A 29 -22.67 43.00 -4.78
N MET A 30 -21.66 42.28 -4.29
CA MET A 30 -21.90 41.16 -3.37
C MET A 30 -20.88 41.07 -2.22
N ARG A 31 -21.27 40.30 -1.22
CA ARG A 31 -20.40 40.03 -0.09
C ARG A 31 -19.61 38.74 -0.40
N ALA A 32 -18.31 38.77 -0.11
CA ALA A 32 -17.44 37.64 -0.30
C ALA A 32 -16.27 37.72 0.68
N VAL A 33 -15.81 36.55 1.13
CA VAL A 33 -14.54 36.46 1.86
C VAL A 33 -13.41 36.71 0.87
N ARG A 34 -12.41 37.49 1.26
CA ARG A 34 -11.25 37.72 0.42
C ARG A 34 -9.95 37.51 1.19
N VAL A 35 -9.00 36.84 0.57
CA VAL A 35 -7.67 36.65 1.14
C VAL A 35 -6.67 37.42 0.27
N PHE A 36 -6.03 38.40 0.90
CA PHE A 36 -5.09 39.28 0.21
C PHE A 36 -3.64 38.82 0.39
N GLU A 37 -3.39 38.07 1.45
CA GLU A 37 -2.07 37.50 1.72
C GLU A 37 -2.24 36.17 2.46
N PHE A 38 -1.31 35.24 2.27
CA PHE A 38 -1.38 33.97 2.99
C PHE A 38 -1.08 34.17 4.48
N GLY A 39 -1.61 33.28 5.32
CA GLY A 39 -1.31 33.33 6.76
C GLY A 39 -2.30 32.52 7.57
N GLY A 40 -2.49 32.95 8.83
CA GLY A 40 -3.45 32.29 9.72
C GLY A 40 -4.87 32.73 9.41
N PRO A 41 -5.86 32.26 10.22
CA PRO A 41 -7.27 32.66 10.07
C PRO A 41 -7.53 34.16 9.96
N GLU A 42 -6.67 34.98 10.56
CA GLU A 42 -6.74 36.45 10.48
C GLU A 42 -6.67 37.05 9.05
N VAL A 43 -6.23 36.25 8.07
CA VAL A 43 -6.12 36.75 6.70
C VAL A 43 -7.45 36.68 5.92
N LEU A 44 -8.43 35.99 6.51
CA LEU A 44 -9.79 35.88 5.97
C LEU A 44 -10.60 37.17 6.18
N LYS A 45 -10.67 38.00 5.15
CA LYS A 45 -11.38 39.30 5.25
C LYS A 45 -12.78 39.22 4.64
N LEU A 46 -13.68 40.08 5.12
CA LEU A 46 -15.03 40.19 4.57
C LEU A 46 -15.09 41.46 3.71
N ARG A 47 -15.60 41.35 2.47
CA ARG A 47 -15.84 42.54 1.64
C ARG A 47 -17.30 42.53 1.15
N SER A 48 -17.89 43.71 0.98
CA SER A 48 -19.29 43.79 0.57
C SER A 48 -19.47 44.50 -0.78
N ASP A 49 -18.33 44.73 -1.44
CA ASP A 49 -18.28 45.48 -2.66
C ASP A 49 -17.58 44.68 -3.77
N ILE A 50 -17.74 43.35 -3.79
CA ILE A 50 -17.16 42.50 -4.85
C ILE A 50 -18.17 42.45 -5.98
N ALA A 51 -17.67 42.62 -7.20
CA ALA A 51 -18.52 42.57 -8.39
C ALA A 51 -19.01 41.14 -8.62
N VAL A 52 -20.27 41.01 -8.98
CA VAL A 52 -20.84 39.70 -9.24
C VAL A 52 -20.27 39.19 -10.55
N PRO A 53 -19.71 37.95 -10.54
CA PRO A 53 -19.16 37.42 -11.82
C PRO A 53 -20.26 37.21 -12.87
N ILE A 54 -19.84 37.19 -14.14
CA ILE A 54 -20.72 37.02 -15.29
C ILE A 54 -20.28 35.73 -15.99
N PRO A 55 -21.13 34.68 -15.98
CA PRO A 55 -20.71 33.38 -16.53
C PRO A 55 -20.73 33.36 -18.06
N LYS A 56 -19.71 32.72 -18.64
CA LYS A 56 -19.60 32.62 -20.09
C LYS A 56 -19.29 31.20 -20.50
N ASP A 57 -19.68 30.84 -21.73
CA ASP A 57 -19.34 29.55 -22.30
C ASP A 57 -19.91 28.38 -21.43
N HIS A 58 -19.07 27.57 -20.79
CA HIS A 58 -19.57 26.45 -19.97
C HIS A 58 -19.71 26.76 -18.48
N GLN A 59 -19.55 28.03 -18.12
CA GLN A 59 -19.60 28.44 -16.72
C GLN A 59 -21.07 28.65 -16.35
N VAL A 60 -21.34 28.56 -15.05
CA VAL A 60 -22.61 28.93 -14.48
C VAL A 60 -22.36 29.87 -13.28
N LEU A 61 -23.36 30.67 -12.97
CA LEU A 61 -23.34 31.48 -11.76
C LEU A 61 -24.34 30.90 -10.78
N ILE A 62 -23.87 30.68 -9.54
CA ILE A 62 -24.73 30.13 -8.51
C ILE A 62 -25.03 31.16 -7.41
N LYS A 63 -26.32 31.35 -7.13
CA LYS A 63 -26.70 32.09 -5.93
C LYS A 63 -26.51 31.16 -4.73
N VAL A 64 -25.51 31.45 -3.93
CA VAL A 64 -25.03 30.53 -2.87
C VAL A 64 -25.86 30.72 -1.58
N HIS A 65 -26.43 29.61 -1.06
CA HIS A 65 -27.12 29.57 0.24
C HIS A 65 -26.22 29.06 1.37
N ALA A 66 -25.34 28.11 1.06
CA ALA A 66 -24.38 27.59 2.03
C ALA A 66 -23.11 27.14 1.32
N CYS A 67 -21.97 27.18 2.01
CA CYS A 67 -20.72 26.65 1.48
C CYS A 67 -20.04 25.79 2.53
N GLY A 68 -19.52 24.64 2.10
CA GLY A 68 -18.85 23.72 3.03
C GLY A 68 -17.49 24.28 3.39
N VAL A 69 -17.06 23.99 4.60
CA VAL A 69 -15.69 24.29 4.99
C VAL A 69 -14.91 22.97 4.90
N ASN A 70 -13.88 22.95 4.05
CA ASN A 70 -13.03 21.77 3.93
C ASN A 70 -11.66 22.11 4.53
N PRO A 71 -11.05 21.17 5.29
CA PRO A 71 -9.69 21.43 5.79
C PRO A 71 -8.69 21.91 4.74
N VAL A 72 -8.79 21.43 3.50
CA VAL A 72 -7.85 21.86 2.46
C VAL A 72 -7.88 23.39 2.29
N GLU A 73 -9.02 24.01 2.57
CA GLU A 73 -9.09 25.46 2.45
C GLU A 73 -8.19 26.15 3.49
N THR A 74 -7.99 25.51 4.63
CA THR A 74 -7.08 26.07 5.66
C THR A 74 -5.62 25.89 5.21
N TYR A 75 -5.30 24.76 4.57
CA TYR A 75 -3.94 24.54 4.07
C TYR A 75 -3.63 25.56 2.97
N ILE A 76 -4.58 25.75 2.05
CA ILE A 76 -4.37 26.73 0.97
C ILE A 76 -4.16 28.14 1.55
N ARG A 77 -5.03 28.53 2.48
CA ARG A 77 -5.00 29.84 3.14
C ARG A 77 -3.65 30.12 3.83
N SER A 78 -3.02 29.07 4.36
CA SER A 78 -1.72 29.19 5.03
C SER A 78 -0.56 29.48 4.07
N GLY A 79 -0.76 29.22 2.77
CA GLY A 79 0.25 29.48 1.75
C GLY A 79 1.27 28.38 1.58
N THR A 80 1.07 27.26 2.28
CA THR A 80 2.07 26.19 2.34
C THR A 80 1.62 24.92 1.66
N TYR A 81 0.43 24.93 1.07
CA TYR A 81 -0.10 23.80 0.32
C TYR A 81 0.44 23.83 -1.12
N SER A 82 0.33 22.69 -1.81
CA SER A 82 0.83 22.59 -3.18
C SER A 82 0.02 23.47 -4.14
N ARG A 83 -1.29 23.58 -3.90
CA ARG A 83 -2.10 24.61 -4.56
C ARG A 83 -1.90 25.97 -3.88
N LYS A 84 -1.48 26.95 -4.66
CA LYS A 84 -1.25 28.29 -4.12
C LYS A 84 -1.86 29.30 -5.09
N PRO A 85 -3.10 29.78 -4.81
CA PRO A 85 -3.84 30.67 -5.72
C PRO A 85 -3.18 32.04 -5.82
N LEU A 86 -3.41 32.69 -6.96
CA LEU A 86 -3.08 34.10 -7.10
C LEU A 86 -3.90 34.90 -6.08
N LEU A 87 -3.26 35.89 -5.47
CA LEU A 87 -3.90 36.77 -4.50
C LEU A 87 -4.39 38.05 -5.16
N PRO A 88 -5.54 38.62 -4.69
CA PRO A 88 -6.47 38.06 -3.71
C PRO A 88 -7.39 37.01 -4.32
N TYR A 89 -7.96 36.14 -3.49
CA TYR A 89 -8.90 35.13 -3.98
C TYR A 89 -10.02 34.93 -2.95
N THR A 90 -11.10 34.28 -3.37
CA THR A 90 -12.15 33.85 -2.46
C THR A 90 -12.01 32.31 -2.33
N PRO A 91 -11.89 31.80 -1.08
CA PRO A 91 -11.78 30.35 -0.87
C PRO A 91 -13.10 29.65 -1.18
N GLY A 92 -13.07 28.32 -1.30
CA GLY A 92 -14.30 27.52 -1.21
C GLY A 92 -14.63 26.82 -2.51
N SER A 93 -14.80 25.49 -2.43
CA SER A 93 -15.17 24.69 -3.60
C SER A 93 -16.63 24.13 -3.59
N ASP A 94 -17.22 23.96 -2.40
CA ASP A 94 -18.45 23.18 -2.22
C ASP A 94 -19.65 24.02 -1.82
N VAL A 95 -20.38 24.55 -2.80
CA VAL A 95 -21.54 25.40 -2.49
C VAL A 95 -22.82 24.66 -2.79
N ALA A 96 -23.90 25.16 -2.21
CA ALA A 96 -25.23 24.77 -2.67
C ALA A 96 -26.13 26.01 -2.72
N GLY A 97 -26.94 26.05 -3.77
CA GLY A 97 -27.86 27.13 -3.97
C GLY A 97 -28.61 26.90 -5.24
N VAL A 98 -28.91 28.01 -5.89
CA VAL A 98 -29.75 28.02 -7.08
C VAL A 98 -28.96 28.67 -8.20
N ILE A 99 -29.10 28.10 -9.40
CA ILE A 99 -28.51 28.72 -10.61
C ILE A 99 -29.14 30.11 -10.84
N GLU A 100 -28.27 31.11 -10.88
CA GLU A 100 -28.63 32.50 -11.13
C GLU A 100 -28.55 32.84 -12.62
N ALA A 101 -27.52 32.34 -13.30
CA ALA A 101 -27.33 32.60 -14.72
C ALA A 101 -26.40 31.53 -15.30
N VAL A 102 -26.40 31.44 -16.63
CA VAL A 102 -25.65 30.39 -17.32
C VAL A 102 -24.89 30.99 -18.51
N GLY A 103 -23.75 30.39 -18.84
CA GLY A 103 -23.04 30.70 -20.07
C GLY A 103 -23.75 30.06 -21.27
N ASP A 104 -23.37 30.49 -22.48
CA ASP A 104 -23.97 30.01 -23.75
C ASP A 104 -24.02 28.50 -23.91
N ASN A 105 -23.00 27.80 -23.42
CA ASN A 105 -22.86 26.38 -23.67
C ASN A 105 -23.20 25.48 -22.49
N ALA A 106 -23.64 26.07 -21.38
CA ALA A 106 -23.90 25.28 -20.16
C ALA A 106 -25.33 24.74 -20.17
N SER A 107 -25.60 23.87 -21.15
CA SER A 107 -26.95 23.41 -21.48
C SER A 107 -27.63 22.57 -20.39
N ALA A 108 -26.85 21.96 -19.51
CA ALA A 108 -27.42 21.07 -18.49
C ALA A 108 -28.09 21.85 -17.35
N PHE A 109 -27.98 23.17 -17.37
CA PHE A 109 -28.51 24.00 -16.28
C PHE A 109 -29.36 25.15 -16.76
N LYS A 110 -30.31 25.54 -15.92
CA LYS A 110 -31.12 26.72 -16.16
C LYS A 110 -31.39 27.48 -14.86
N LYS A 111 -31.66 28.77 -15.00
CA LYS A 111 -32.03 29.60 -13.87
C LYS A 111 -33.10 28.91 -13.03
N GLY A 112 -32.87 28.92 -11.72
CA GLY A 112 -33.80 28.30 -10.77
C GLY A 112 -33.43 26.88 -10.38
N ASP A 113 -32.55 26.20 -11.13
CA ASP A 113 -32.12 24.83 -10.73
C ASP A 113 -31.43 24.85 -9.34
N ARG A 114 -31.82 23.93 -8.47
CA ARG A 114 -31.09 23.72 -7.20
C ARG A 114 -29.92 22.80 -7.45
N VAL A 115 -28.75 23.20 -6.96
CA VAL A 115 -27.49 22.57 -7.34
C VAL A 115 -26.53 22.59 -6.16
N PHE A 116 -25.52 21.72 -6.23
CA PHE A 116 -24.40 21.81 -5.33
C PHE A 116 -23.13 21.58 -6.16
N THR A 117 -21.98 21.89 -5.59
CA THR A 117 -20.71 21.81 -6.32
C THR A 117 -19.61 21.03 -5.61
N SER A 118 -18.62 20.65 -6.41
CA SER A 118 -17.39 20.02 -5.92
C SER A 118 -16.17 20.88 -6.24
N SER A 119 -16.37 21.92 -7.06
CA SER A 119 -15.37 22.99 -7.31
C SER A 119 -16.12 24.30 -7.61
N THR A 120 -15.42 25.42 -7.45
CA THR A 120 -15.85 26.69 -8.05
C THR A 120 -14.65 27.36 -8.72
N ILE A 121 -14.94 28.32 -9.59
CA ILE A 121 -13.95 29.15 -10.25
C ILE A 121 -13.65 30.41 -9.39
N SER A 122 -14.69 31.11 -8.96
CA SER A 122 -14.49 32.41 -8.29
C SER A 122 -14.42 32.29 -6.73
N GLY A 123 -14.67 31.10 -6.20
CA GLY A 123 -14.73 30.91 -4.75
C GLY A 123 -16.15 30.81 -4.18
N GLY A 124 -16.38 29.76 -3.39
CA GLY A 124 -17.67 29.51 -2.76
C GLY A 124 -18.01 30.31 -1.50
N TYR A 125 -17.00 30.92 -0.87
CA TYR A 125 -17.23 31.75 0.35
C TYR A 125 -17.80 33.13 -0.04
N ALA A 126 -18.96 33.12 -0.71
CA ALA A 126 -19.47 34.35 -1.35
C ALA A 126 -20.95 34.19 -1.59
N GLU A 127 -21.64 35.31 -1.76
CA GLU A 127 -23.06 35.28 -2.09
C GLU A 127 -23.36 34.67 -3.47
N TYR A 128 -22.47 34.87 -4.42
CA TYR A 128 -22.60 34.33 -5.78
C TYR A 128 -21.27 33.73 -6.15
N ALA A 129 -21.30 32.55 -6.78
CA ALA A 129 -20.07 31.90 -7.21
C ALA A 129 -20.17 31.42 -8.67
N LEU A 130 -19.11 31.71 -9.42
CA LEU A 130 -18.88 31.16 -10.73
C LEU A 130 -18.35 29.72 -10.61
N ALA A 131 -18.90 28.79 -11.40
CA ALA A 131 -18.45 27.40 -11.42
C ALA A 131 -18.49 26.82 -12.85
N ALA A 132 -17.58 25.90 -13.13
CA ALA A 132 -17.57 25.20 -14.43
C ALA A 132 -18.71 24.19 -14.42
N ASP A 133 -19.48 24.13 -15.51
CA ASP A 133 -20.70 23.29 -15.48
C ASP A 133 -20.49 21.82 -15.08
N HIS A 134 -19.29 21.28 -15.36
CA HIS A 134 -18.95 19.88 -15.10
C HIS A 134 -18.67 19.57 -13.62
N THR A 135 -18.55 20.62 -12.80
CA THR A 135 -18.32 20.50 -11.36
C THR A 135 -19.59 20.88 -10.55
N VAL A 136 -20.71 20.89 -11.26
CA VAL A 136 -22.00 21.25 -10.70
C VAL A 136 -22.98 20.09 -10.90
N TYR A 137 -23.79 19.81 -9.88
CA TYR A 137 -24.68 18.65 -9.90
C TYR A 137 -26.06 19.08 -9.39
N LYS A 138 -27.13 18.46 -9.88
CA LYS A 138 -28.49 18.78 -9.36
C LYS A 138 -28.64 18.31 -7.90
N LEU A 139 -29.23 19.16 -7.06
CA LEU A 139 -29.54 18.84 -5.67
C LEU A 139 -31.00 18.41 -5.58
N PRO A 140 -31.26 17.17 -5.13
CA PRO A 140 -32.64 16.68 -5.00
C PRO A 140 -33.45 17.56 -4.08
N GLU A 141 -34.74 17.72 -4.37
CA GLU A 141 -35.64 18.56 -3.55
C GLU A 141 -35.63 18.23 -2.07
N LYS A 142 -35.47 16.95 -1.73
CA LYS A 142 -35.56 16.53 -0.35
C LYS A 142 -34.31 16.77 0.49
N LEU A 143 -33.21 17.23 -0.13
CA LEU A 143 -32.06 17.69 0.64
C LEU A 143 -32.07 19.22 0.65
N ASP A 144 -31.82 19.81 1.81
CA ASP A 144 -31.71 21.29 1.83
C ASP A 144 -30.33 21.81 1.38
N PHE A 145 -30.21 23.13 1.23
CA PHE A 145 -28.94 23.69 0.78
C PHE A 145 -27.81 23.48 1.79
N LYS A 146 -28.13 23.53 3.08
CA LYS A 146 -27.09 23.23 4.09
C LYS A 146 -26.47 21.85 3.86
N GLN A 147 -27.32 20.85 3.65
CA GLN A 147 -26.88 19.49 3.30
C GLN A 147 -26.17 19.45 1.93
N GLY A 148 -26.68 20.20 0.92
CA GLY A 148 -25.95 20.29 -0.38
C GLY A 148 -24.48 20.72 -0.24
N ALA A 149 -24.21 21.65 0.69
CA ALA A 149 -22.85 22.14 0.99
C ALA A 149 -21.87 21.11 1.58
N ALA A 150 -22.41 20.00 2.06
CA ALA A 150 -21.64 18.94 2.72
C ALA A 150 -21.22 17.81 1.75
N ILE A 151 -21.63 17.89 0.49
CA ILE A 151 -21.55 16.72 -0.39
C ILE A 151 -20.24 16.66 -1.17
N GLY A 152 -19.86 17.79 -1.79
CA GLY A 152 -18.82 17.85 -2.83
C GLY A 152 -17.52 17.10 -2.58
N ILE A 153 -16.59 17.72 -1.87
CA ILE A 153 -15.35 17.02 -1.55
C ILE A 153 -15.62 15.76 -0.64
N PRO A 154 -16.36 15.89 0.48
CA PRO A 154 -16.53 14.73 1.39
C PRO A 154 -17.03 13.42 0.76
N TYR A 155 -18.18 13.46 0.07
CA TYR A 155 -18.75 12.22 -0.47
C TYR A 155 -18.03 11.69 -1.72
N PHE A 156 -17.61 12.57 -2.63
CA PHE A 156 -16.79 12.13 -3.77
C PHE A 156 -15.45 11.46 -3.31
N THR A 157 -14.82 12.04 -2.29
CA THR A 157 -13.54 11.56 -1.77
C THR A 157 -13.78 10.18 -1.11
N ALA A 158 -14.81 10.11 -0.26
CA ALA A 158 -15.11 8.84 0.43
C ALA A 158 -15.51 7.71 -0.58
N TYR A 159 -16.25 8.07 -1.64
CA TYR A 159 -16.64 7.10 -2.64
C TYR A 159 -15.40 6.61 -3.41
N ARG A 160 -14.54 7.54 -3.86
CA ARG A 160 -13.26 7.12 -4.48
C ARG A 160 -12.45 6.19 -3.55
N ALA A 161 -12.29 6.61 -2.31
CA ALA A 161 -11.50 5.86 -1.32
C ALA A 161 -12.02 4.41 -1.16
N LEU A 162 -13.35 4.26 -1.05
CA LEU A 162 -13.98 2.94 -0.79
C LEU A 162 -14.11 2.10 -2.06
N ILE A 163 -14.58 2.72 -3.13
CA ILE A 163 -14.89 1.97 -4.35
C ILE A 163 -13.66 1.76 -5.25
N HIS A 164 -12.91 2.84 -5.47
CA HIS A 164 -11.74 2.87 -6.35
C HIS A 164 -10.49 2.37 -5.63
N SER A 165 -10.14 3.00 -4.51
CA SER A 165 -8.87 2.73 -3.88
C SER A 165 -8.90 1.36 -3.14
N ALA A 166 -9.94 1.16 -2.34
CA ALA A 166 -10.12 -0.07 -1.55
C ALA A 166 -10.75 -1.23 -2.31
N CYS A 167 -11.49 -0.95 -3.39
CA CYS A 167 -12.25 -1.98 -4.14
C CYS A 167 -13.18 -2.77 -3.21
N VAL A 168 -13.95 -2.01 -2.43
CA VAL A 168 -14.81 -2.58 -1.40
C VAL A 168 -15.77 -3.66 -1.97
N LYS A 169 -15.95 -4.74 -1.20
CA LYS A 169 -17.04 -5.69 -1.46
C LYS A 169 -18.00 -5.67 -0.26
N ALA A 170 -19.26 -5.90 -0.55
CA ALA A 170 -20.28 -5.94 0.50
C ALA A 170 -19.91 -7.00 1.57
N GLY A 171 -20.17 -6.68 2.83
CA GLY A 171 -19.85 -7.58 3.95
C GLY A 171 -18.43 -7.52 4.51
N GLU A 172 -17.56 -6.77 3.86
CA GLU A 172 -16.23 -6.56 4.42
C GLU A 172 -16.30 -5.66 5.64
N SER A 173 -15.26 -5.69 6.45
CA SER A 173 -15.21 -4.82 7.62
C SER A 173 -14.38 -3.55 7.32
N VAL A 174 -14.79 -2.44 7.92
CA VAL A 174 -14.09 -1.18 7.71
C VAL A 174 -13.96 -0.46 9.04
N LEU A 175 -12.78 0.13 9.27
CA LEU A 175 -12.65 1.13 10.30
C LEU A 175 -12.53 2.51 9.60
N VAL A 176 -13.42 3.44 9.95
CA VAL A 176 -13.33 4.84 9.53
C VAL A 176 -12.63 5.54 10.71
N HIS A 177 -11.34 5.79 10.53
CA HIS A 177 -10.47 6.36 11.55
C HIS A 177 -10.51 7.87 11.45
N GLY A 178 -11.38 8.48 12.27
CA GLY A 178 -11.77 9.86 12.12
C GLY A 178 -13.12 9.93 11.43
N ALA A 179 -14.13 9.38 12.07
CA ALA A 179 -15.45 9.14 11.45
C ALA A 179 -16.50 10.27 11.62
N SER A 180 -16.24 11.17 12.57
CA SER A 180 -17.21 12.21 13.00
C SER A 180 -17.24 13.51 12.16
N GLY A 181 -16.28 13.67 11.24
CA GLY A 181 -16.22 14.84 10.34
C GLY A 181 -16.89 14.58 8.99
N GLY A 182 -16.60 15.45 8.02
CA GLY A 182 -17.31 15.41 6.75
C GLY A 182 -17.06 14.19 5.89
N VAL A 183 -15.79 13.83 5.70
CA VAL A 183 -15.46 12.67 4.89
C VAL A 183 -15.85 11.41 5.69
N GLY A 184 -15.61 11.47 7.01
CA GLY A 184 -15.93 10.34 7.92
C GLY A 184 -17.37 9.86 7.86
N LEU A 185 -18.31 10.79 8.01
CA LEU A 185 -19.72 10.45 7.98
C LEU A 185 -20.16 9.97 6.59
N ALA A 186 -19.59 10.59 5.54
CA ALA A 186 -19.75 10.15 4.14
C ALA A 186 -19.31 8.69 3.97
N ALA A 187 -18.09 8.39 4.42
CA ALA A 187 -17.61 7.03 4.43
C ALA A 187 -18.52 6.07 5.21
N CYS A 188 -19.01 6.49 6.39
CA CYS A 188 -19.95 5.61 7.15
C CYS A 188 -21.23 5.30 6.35
N GLN A 189 -21.78 6.32 5.69
CA GLN A 189 -23.02 6.14 4.95
C GLN A 189 -22.83 5.27 3.70
N ILE A 190 -21.75 5.51 2.97
CA ILE A 190 -21.41 4.67 1.81
C ILE A 190 -21.17 3.23 2.24
N ALA A 191 -20.40 3.06 3.32
CA ALA A 191 -20.12 1.72 3.87
C ALA A 191 -21.44 1.00 4.25
N ARG A 192 -22.33 1.74 4.93
CA ARG A 192 -23.66 1.25 5.29
C ARG A 192 -24.44 0.77 4.05
N ALA A 193 -24.34 1.53 2.96
CA ALA A 193 -25.07 1.20 1.72
C ALA A 193 -24.53 -0.08 1.12
N TYR A 194 -23.24 -0.36 1.34
CA TYR A 194 -22.64 -1.66 0.99
C TYR A 194 -22.78 -2.78 2.00
N GLY A 195 -23.56 -2.59 3.05
CA GLY A 195 -23.68 -3.64 4.08
C GLY A 195 -22.33 -4.06 4.71
N LEU A 196 -21.42 -3.10 4.86
CA LEU A 196 -20.15 -3.40 5.52
C LEU A 196 -20.38 -3.52 7.03
N LYS A 197 -19.45 -4.20 7.69
CA LYS A 197 -19.36 -4.19 9.12
C LYS A 197 -18.53 -2.95 9.49
N ILE A 198 -19.11 -2.01 10.25
CA ILE A 198 -18.54 -0.65 10.33
C ILE A 198 -18.10 -0.32 11.75
N LEU A 199 -16.82 0.02 11.87
CA LEU A 199 -16.27 0.63 13.07
C LEU A 199 -15.88 2.08 12.76
N GLY A 200 -16.01 2.94 13.76
CA GLY A 200 -15.67 4.36 13.60
C GLY A 200 -15.05 4.89 14.88
N THR A 201 -14.37 6.04 14.74
CA THR A 201 -13.79 6.71 15.91
C THR A 201 -14.19 8.19 15.90
N ALA A 202 -14.32 8.75 17.09
CA ALA A 202 -14.51 10.18 17.29
C ALA A 202 -13.82 10.57 18.58
N GLY A 203 -13.71 11.87 18.84
CA GLY A 203 -12.98 12.37 20.01
C GLY A 203 -13.86 12.84 21.14
N THR A 204 -15.18 12.85 20.93
CA THR A 204 -16.15 13.28 21.95
C THR A 204 -17.35 12.33 22.05
N GLU A 205 -18.10 12.46 23.15
CA GLU A 205 -19.36 11.74 23.35
C GLU A 205 -20.36 12.04 22.20
N GLU A 206 -20.61 13.33 21.93
CA GLU A 206 -21.48 13.70 20.79
C GLU A 206 -20.97 13.21 19.42
N GLY A 207 -19.65 13.25 19.19
CA GLY A 207 -19.05 12.72 17.98
C GLY A 207 -19.27 11.21 17.86
N GLN A 208 -19.06 10.48 18.95
CA GLN A 208 -19.27 9.02 18.91
C GLN A 208 -20.74 8.67 18.58
N LYS A 209 -21.67 9.40 19.17
CA LYS A 209 -23.09 9.14 18.90
C LYS A 209 -23.50 9.42 17.45
N ILE A 210 -22.99 10.50 16.85
CA ILE A 210 -23.31 10.79 15.46
C ILE A 210 -22.79 9.71 14.51
N VAL A 211 -21.64 9.14 14.86
CA VAL A 211 -21.03 8.07 14.08
C VAL A 211 -21.90 6.80 14.15
N LEU A 212 -22.29 6.42 15.37
CA LEU A 212 -23.25 5.31 15.57
C LEU A 212 -24.57 5.57 14.79
N GLN A 213 -25.08 6.80 14.85
CA GLN A 213 -26.33 7.18 14.19
C GLN A 213 -26.28 7.04 12.67
N ASN A 214 -25.09 7.14 12.10
CA ASN A 214 -24.89 7.07 10.65
C ASN A 214 -24.26 5.80 10.10
N GLY A 215 -24.37 4.71 10.86
CA GLY A 215 -24.13 3.35 10.36
C GLY A 215 -23.09 2.51 11.08
N ALA A 216 -22.24 3.14 11.90
CA ALA A 216 -21.27 2.35 12.66
C ALA A 216 -21.93 1.38 13.64
N HIS A 217 -21.49 0.13 13.57
CA HIS A 217 -21.86 -0.90 14.52
C HIS A 217 -21.21 -0.68 15.87
N GLU A 218 -19.98 -0.20 15.86
CA GLU A 218 -19.34 0.15 17.13
C GLU A 218 -18.46 1.36 16.92
N VAL A 219 -18.32 2.15 17.99
CA VAL A 219 -17.52 3.38 17.96
C VAL A 219 -16.51 3.33 19.12
N PHE A 220 -15.41 4.03 18.90
CA PHE A 220 -14.32 4.15 19.88
C PHE A 220 -13.90 5.61 19.93
N ASN A 221 -13.26 5.94 21.05
CA ASN A 221 -12.80 7.28 21.35
C ASN A 221 -11.30 7.39 21.08
N HIS A 222 -10.95 8.06 19.97
CA HIS A 222 -9.56 8.17 19.56
C HIS A 222 -8.72 9.11 20.45
N ARG A 223 -9.35 9.76 21.43
CA ARG A 223 -8.63 10.49 22.51
C ARG A 223 -8.29 9.61 23.69
N GLU A 224 -8.87 8.41 23.77
CA GLU A 224 -8.64 7.51 24.92
C GLU A 224 -7.30 6.80 24.82
N VAL A 225 -6.60 6.70 25.93
CA VAL A 225 -5.36 5.92 25.97
C VAL A 225 -5.71 4.44 25.74
N ASN A 226 -5.02 3.83 24.80
CA ASN A 226 -5.28 2.42 24.52
C ASN A 226 -6.68 2.08 23.95
N TYR A 227 -7.27 3.01 23.19
CA TYR A 227 -8.50 2.67 22.47
C TYR A 227 -8.20 1.66 21.35
N ILE A 228 -6.98 1.65 20.82
CA ILE A 228 -6.61 0.68 19.79
C ILE A 228 -6.73 -0.77 20.36
N ASP A 229 -6.32 -0.96 21.62
CA ASP A 229 -6.52 -2.26 22.29
C ASP A 229 -7.99 -2.65 22.35
N LYS A 230 -8.87 -1.68 22.58
CA LYS A 230 -10.32 -1.95 22.57
C LYS A 230 -10.78 -2.39 21.19
N ILE A 231 -10.26 -1.75 20.13
CA ILE A 231 -10.56 -2.16 18.77
C ILE A 231 -10.05 -3.58 18.53
N LYS A 232 -8.78 -3.81 18.88
CA LYS A 232 -8.16 -5.15 18.79
C LYS A 232 -8.99 -6.24 19.46
N LYS A 233 -9.39 -5.99 20.72
CA LYS A 233 -10.22 -6.93 21.49
C LYS A 233 -11.54 -7.16 20.74
N TYR A 234 -12.09 -6.09 20.18
CA TYR A 234 -13.37 -6.18 19.51
C TYR A 234 -13.31 -6.98 18.19
N VAL A 235 -12.28 -6.76 17.36
CA VAL A 235 -12.18 -7.44 16.06
C VAL A 235 -11.52 -8.81 16.15
N GLY A 236 -10.74 -9.01 17.22
CA GLY A 236 -9.92 -10.20 17.41
C GLY A 236 -8.93 -10.49 16.28
N GLU A 237 -8.57 -11.77 16.16
CA GLU A 237 -7.52 -12.23 15.26
C GLU A 237 -7.75 -11.94 13.77
N LYS A 238 -8.99 -12.03 13.30
CA LYS A 238 -9.27 -11.77 11.90
C LYS A 238 -8.93 -10.34 11.45
N GLY A 239 -9.02 -9.36 12.36
CA GLY A 239 -8.66 -7.99 11.98
C GLY A 239 -9.71 -7.31 11.12
N ILE A 240 -9.29 -6.30 10.34
CA ILE A 240 -10.18 -5.36 9.68
C ILE A 240 -9.76 -5.28 8.20
N ASP A 241 -10.73 -5.43 7.29
CA ASP A 241 -10.41 -5.49 5.83
C ASP A 241 -9.94 -4.15 5.26
N ILE A 242 -10.61 -3.07 5.68
CA ILE A 242 -10.39 -1.73 5.13
C ILE A 242 -10.28 -0.73 6.26
N ILE A 243 -9.25 0.13 6.19
CA ILE A 243 -9.16 1.30 7.08
C ILE A 243 -9.16 2.57 6.22
N ILE A 244 -10.16 3.41 6.47
CA ILE A 244 -10.21 4.76 5.85
C ILE A 244 -9.55 5.70 6.87
N GLU A 245 -8.32 6.12 6.55
CA GLU A 245 -7.48 6.86 7.50
C GLU A 245 -7.48 8.38 7.28
N MET A 246 -8.10 9.13 8.22
CA MET A 246 -8.10 10.62 8.18
C MET A 246 -6.85 11.32 8.73
N LEU A 247 -6.04 10.60 9.52
CA LEU A 247 -4.86 11.18 10.15
C LEU A 247 -3.66 10.19 10.19
N ALA A 248 -3.11 9.87 9.03
CA ALA A 248 -2.15 8.77 8.87
C ALA A 248 -0.85 9.03 9.63
N ASN A 249 -0.49 10.30 9.84
CA ASN A 249 0.73 10.66 10.58
C ASN A 249 0.65 10.27 12.04
N VAL A 250 -0.58 10.13 12.58
CA VAL A 250 -0.77 9.67 13.98
C VAL A 250 -1.01 8.15 13.99
N ASN A 251 -1.83 7.67 13.07
CA ASN A 251 -2.36 6.29 13.15
C ASN A 251 -1.80 5.21 12.23
N LEU A 252 -0.99 5.56 11.25
CA LEU A 252 -0.67 4.55 10.24
C LEU A 252 -0.06 3.25 10.83
N SER A 253 0.84 3.35 11.82
CA SER A 253 1.46 2.15 12.39
C SER A 253 0.44 1.26 13.13
N LYS A 254 -0.37 1.90 13.97
CA LYS A 254 -1.45 1.21 14.68
C LYS A 254 -2.43 0.57 13.69
N ASP A 255 -2.73 1.26 12.58
CA ASP A 255 -3.57 0.75 11.49
C ASP A 255 -3.08 -0.59 10.95
N LEU A 256 -1.76 -0.69 10.71
CA LEU A 256 -1.18 -1.92 10.18
C LEU A 256 -1.36 -3.13 11.09
N SER A 257 -1.32 -2.89 12.41
CA SER A 257 -1.54 -3.96 13.41
C SER A 257 -3.00 -4.46 13.35
N LEU A 258 -3.92 -3.65 12.83
CA LEU A 258 -5.37 -3.97 12.84
C LEU A 258 -5.86 -4.68 11.59
N LEU A 259 -5.05 -4.62 10.53
CA LEU A 259 -5.49 -5.10 9.23
C LEU A 259 -5.62 -6.65 9.15
N SER A 260 -6.63 -7.13 8.43
CA SER A 260 -6.74 -8.55 8.09
C SER A 260 -5.70 -8.90 7.01
N HIS A 261 -5.58 -10.21 6.70
CA HIS A 261 -4.80 -10.63 5.54
C HIS A 261 -5.40 -10.07 4.25
N GLY A 262 -4.54 -9.48 3.42
CA GLY A 262 -4.99 -8.82 2.22
C GLY A 262 -5.71 -7.49 2.51
N GLY A 263 -5.63 -7.03 3.76
CA GLY A 263 -6.27 -5.79 4.25
C GLY A 263 -5.66 -4.55 3.60
N ARG A 264 -6.41 -3.47 3.58
CA ARG A 264 -5.83 -2.21 3.04
C ARG A 264 -6.20 -0.97 3.78
N VAL A 265 -5.21 -0.13 4.01
CA VAL A 265 -5.44 1.16 4.62
C VAL A 265 -5.29 2.24 3.53
N ILE A 266 -6.33 3.04 3.42
CA ILE A 266 -6.40 4.11 2.43
C ILE A 266 -6.04 5.42 3.14
N VAL A 267 -4.96 6.04 2.65
CA VAL A 267 -4.53 7.31 3.20
C VAL A 267 -5.34 8.47 2.60
N VAL A 268 -6.35 8.93 3.37
CA VAL A 268 -7.17 10.06 2.96
C VAL A 268 -6.60 11.39 3.51
N GLY A 269 -6.24 11.39 4.80
CA GLY A 269 -5.65 12.58 5.41
C GLY A 269 -4.38 12.27 6.16
N SER A 270 -3.51 13.27 6.23
CA SER A 270 -2.16 13.16 6.76
C SER A 270 -1.54 14.54 6.96
N ARG A 271 -1.00 14.74 8.16
CA ARG A 271 -0.44 16.05 8.52
C ARG A 271 0.91 15.96 9.20
N GLY A 272 1.74 15.02 8.76
CA GLY A 272 3.06 14.87 9.33
C GLY A 272 3.72 13.55 8.98
N THR A 273 4.80 13.25 9.69
CA THR A 273 5.52 12.01 9.45
C THR A 273 5.20 11.02 10.57
N ILE A 274 5.53 9.75 10.32
CA ILE A 274 5.21 8.67 11.27
C ILE A 274 6.24 7.55 11.05
N GLU A 275 6.71 6.97 12.15
CA GLU A 275 7.52 5.77 12.10
C GLU A 275 6.66 4.50 11.97
N ILE A 276 7.00 3.67 10.99
CA ILE A 276 6.26 2.43 10.73
C ILE A 276 7.25 1.27 10.62
N ASN A 277 6.75 0.05 10.84
CA ASN A 277 7.54 -1.15 10.60
C ASN A 277 7.04 -1.82 9.31
N PRO A 278 7.80 -1.70 8.20
CA PRO A 278 7.27 -2.27 6.94
C PRO A 278 7.02 -3.79 6.97
N ARG A 279 7.68 -4.51 7.88
CA ARG A 279 7.35 -5.95 8.09
C ARG A 279 5.87 -6.15 8.47
N ASP A 280 5.24 -5.14 9.08
CA ASP A 280 3.79 -5.20 9.38
C ASP A 280 2.90 -5.42 8.14
N THR A 281 3.38 -5.06 6.95
CA THR A 281 2.66 -5.32 5.69
C THR A 281 2.91 -6.72 5.11
N MET A 282 4.03 -7.33 5.48
CA MET A 282 4.51 -8.59 4.85
C MET A 282 3.71 -9.85 5.16
N ALA A 283 3.58 -10.27 6.44
CA ALA A 283 2.83 -11.50 6.76
C ALA A 283 1.35 -11.43 6.34
N LYS A 284 0.75 -10.24 6.52
CA LYS A 284 -0.63 -9.98 6.06
C LYS A 284 -0.80 -9.65 4.56
N GLU A 285 0.31 -9.40 3.86
CA GLU A 285 0.25 -8.91 2.46
C GLU A 285 -0.78 -7.78 2.32
N SER A 286 -0.63 -6.79 3.19
CA SER A 286 -1.54 -5.67 3.27
C SER A 286 -0.97 -4.53 2.42
N SER A 287 -1.82 -3.56 2.12
CA SER A 287 -1.47 -2.41 1.29
C SER A 287 -1.81 -1.10 1.99
N ILE A 288 -0.91 -0.13 1.83
CA ILE A 288 -1.12 1.27 2.17
C ILE A 288 -1.28 2.03 0.85
N ILE A 289 -2.43 2.67 0.66
CA ILE A 289 -2.83 3.20 -0.65
C ILE A 289 -3.21 4.67 -0.49
N GLY A 290 -2.50 5.55 -1.20
CA GLY A 290 -2.88 6.97 -1.24
C GLY A 290 -4.08 7.24 -2.17
N VAL A 291 -4.92 8.18 -1.77
CA VAL A 291 -5.98 8.65 -2.65
C VAL A 291 -6.00 10.20 -2.64
N THR A 292 -6.28 10.78 -3.81
CA THR A 292 -6.61 12.20 -3.88
C THR A 292 -7.77 12.37 -4.85
N LEU A 293 -8.85 12.99 -4.35
CA LEU A 293 -10.01 13.20 -5.19
C LEU A 293 -9.64 13.84 -6.51
N PHE A 294 -8.75 14.81 -6.51
CA PHE A 294 -8.54 15.54 -7.78
C PHE A 294 -7.64 14.86 -8.79
N SER A 295 -7.15 13.66 -8.43
CA SER A 295 -6.60 12.71 -9.42
C SER A 295 -7.67 12.03 -10.27
N SER A 296 -8.94 12.12 -9.88
CA SER A 296 -10.02 11.45 -10.64
C SER A 296 -10.11 11.94 -12.10
N THR A 297 -10.31 11.01 -13.04
CA THR A 297 -10.65 11.42 -14.41
C THR A 297 -12.08 12.01 -14.49
N LYS A 298 -12.38 12.63 -15.64
CA LYS A 298 -13.75 13.13 -15.96
C LYS A 298 -14.75 11.98 -15.85
N GLU A 299 -14.40 10.86 -16.49
CA GLU A 299 -15.25 9.67 -16.55
C GLU A 299 -15.52 9.12 -15.12
N GLU A 300 -14.48 9.11 -14.28
CA GLU A 300 -14.64 8.75 -12.86
C GLU A 300 -15.57 9.65 -12.07
N PHE A 301 -15.39 10.98 -12.20
CA PHE A 301 -16.32 11.93 -11.60
C PHE A 301 -17.79 11.69 -11.98
N GLN A 302 -18.04 11.32 -13.23
CA GLN A 302 -19.40 11.04 -13.73
C GLN A 302 -19.96 9.77 -13.07
N GLN A 303 -19.12 8.75 -13.01
CA GLN A 303 -19.45 7.49 -12.33
C GLN A 303 -19.81 7.77 -10.87
N TYR A 304 -18.97 8.55 -10.17
CA TYR A 304 -19.21 8.85 -8.76
C TYR A 304 -20.49 9.66 -8.60
N ALA A 305 -20.67 10.67 -9.44
CA ALA A 305 -21.90 11.47 -9.41
C ALA A 305 -23.17 10.61 -9.57
N ALA A 306 -23.12 9.63 -10.46
CA ALA A 306 -24.24 8.73 -10.70
C ALA A 306 -24.52 7.89 -9.45
N ALA A 307 -23.47 7.37 -8.83
CA ALA A 307 -23.58 6.58 -7.58
C ALA A 307 -24.22 7.42 -6.47
N LEU A 308 -23.74 8.66 -6.31
CA LEU A 308 -24.17 9.53 -5.23
C LEU A 308 -25.58 10.02 -5.47
N GLN A 309 -25.90 10.39 -6.72
CA GLN A 309 -27.32 10.71 -7.07
C GLN A 309 -28.28 9.58 -6.67
N ALA A 310 -27.89 8.32 -6.96
CA ALA A 310 -28.72 7.18 -6.59
C ALA A 310 -28.85 7.10 -5.05
N GLY A 311 -27.72 7.31 -4.37
CA GLY A 311 -27.69 7.35 -2.87
C GLY A 311 -28.65 8.38 -2.27
N MET A 312 -28.68 9.58 -2.84
CA MET A 312 -29.60 10.63 -2.42
C MET A 312 -31.05 10.21 -2.70
N GLU A 313 -31.31 9.68 -3.89
CA GLU A 313 -32.68 9.31 -4.28
C GLU A 313 -33.27 8.23 -3.35
N ILE A 314 -32.47 7.18 -3.15
CA ILE A 314 -32.86 6.03 -2.34
C ILE A 314 -32.80 6.31 -0.83
N GLY A 315 -32.12 7.39 -0.43
CA GLY A 315 -32.24 7.88 0.93
C GLY A 315 -31.08 7.54 1.89
N TRP A 316 -30.07 6.80 1.44
CA TRP A 316 -28.94 6.55 2.34
C TRP A 316 -27.95 7.70 2.43
N LEU A 317 -27.89 8.53 1.38
CA LEU A 317 -26.97 9.66 1.36
C LEU A 317 -27.74 10.84 1.97
N LYS A 318 -27.48 11.11 3.25
CA LYS A 318 -28.22 12.11 4.00
C LYS A 318 -27.19 12.91 4.76
N PRO A 319 -26.68 14.01 4.15
CA PRO A 319 -25.57 14.75 4.77
C PRO A 319 -25.91 15.30 6.14
N VAL A 320 -24.89 15.29 7.02
CA VAL A 320 -25.05 15.59 8.43
C VAL A 320 -24.29 16.88 8.71
N ILE A 321 -25.02 17.87 9.23
CA ILE A 321 -24.44 19.17 9.54
C ILE A 321 -24.10 19.31 11.02
N GLY A 322 -22.82 19.35 11.30
CA GLY A 322 -22.35 19.43 12.68
C GLY A 322 -22.22 20.83 13.24
N SER A 323 -21.85 21.79 12.41
CA SER A 323 -21.69 23.19 12.88
C SER A 323 -21.94 24.16 11.73
N GLN A 324 -22.45 25.35 12.08
CA GLN A 324 -22.84 26.36 11.10
C GLN A 324 -22.34 27.71 11.56
N TYR A 325 -21.70 28.42 10.62
CA TYR A 325 -21.04 29.69 10.90
C TYR A 325 -21.56 30.72 9.93
N PRO A 326 -21.93 31.92 10.44
CA PRO A 326 -22.20 32.93 9.42
C PRO A 326 -20.89 33.28 8.72
N LEU A 327 -20.99 33.76 7.50
CA LEU A 327 -19.82 34.13 6.73
C LEU A 327 -18.87 35.05 7.51
N GLU A 328 -19.42 35.97 8.31
CA GLU A 328 -18.64 36.92 9.10
C GLU A 328 -17.68 36.25 10.10
N LYS A 329 -18.00 35.02 10.47
CA LYS A 329 -17.20 34.24 11.42
C LYS A 329 -16.35 33.18 10.72
N VAL A 330 -16.02 33.44 9.46
CA VAL A 330 -15.18 32.51 8.69
C VAL A 330 -13.83 32.24 9.41
N ALA A 331 -13.23 33.25 10.06
CA ALA A 331 -11.95 33.07 10.76
C ALA A 331 -12.07 32.04 11.87
N GLU A 332 -13.14 32.14 12.65
CA GLU A 332 -13.50 31.18 13.71
C GLU A 332 -13.72 29.75 13.15
N ALA A 333 -14.49 29.65 12.06
CA ALA A 333 -14.70 28.41 11.35
C ALA A 333 -13.35 27.72 10.97
N HIS A 334 -12.43 28.45 10.34
CA HIS A 334 -11.08 27.91 10.02
C HIS A 334 -10.27 27.54 11.26
N GLU A 335 -10.33 28.37 12.30
CA GLU A 335 -9.65 28.04 13.55
C GLU A 335 -10.21 26.71 14.14
N ASN A 336 -11.54 26.63 14.23
CA ASN A 336 -12.21 25.52 14.89
C ASN A 336 -12.17 24.21 14.13
N ILE A 337 -12.09 24.25 12.81
CA ILE A 337 -12.04 22.99 12.04
C ILE A 337 -10.72 22.23 12.27
N ILE A 338 -9.64 22.98 12.54
CA ILE A 338 -8.31 22.43 12.81
C ILE A 338 -8.06 22.26 14.31
N HIS A 339 -8.52 23.21 15.11
CA HIS A 339 -8.14 23.25 16.53
C HIS A 339 -9.31 23.16 17.52
N GLY A 340 -10.52 22.93 17.04
CA GLY A 340 -11.73 23.00 17.87
C GLY A 340 -11.96 21.79 18.77
N SER A 341 -13.15 21.69 19.34
CA SER A 341 -13.42 20.71 20.42
C SER A 341 -13.88 19.34 19.90
N GLY A 342 -14.18 19.23 18.61
CA GLY A 342 -14.62 17.94 18.10
C GLY A 342 -15.74 18.08 17.07
N ALA A 343 -15.62 17.31 16.01
CA ALA A 343 -16.62 17.35 14.93
C ALA A 343 -17.88 16.52 15.24
N THR A 344 -19.02 16.99 14.74
CA THR A 344 -20.29 16.22 14.80
C THR A 344 -20.95 16.25 13.43
N GLY A 345 -20.11 16.34 12.41
CA GLY A 345 -20.53 16.29 11.02
C GLY A 345 -19.83 17.39 10.26
N LYS A 346 -20.45 17.78 9.15
CA LYS A 346 -19.88 18.79 8.27
C LYS A 346 -19.95 20.18 8.92
N MET A 347 -18.90 20.95 8.72
CA MET A 347 -18.90 22.36 9.08
C MET A 347 -19.24 23.14 7.80
N ILE A 348 -20.22 24.05 7.91
CA ILE A 348 -20.65 24.92 6.79
C ILE A 348 -20.68 26.41 7.17
N LEU A 349 -20.58 27.26 6.14
CA LEU A 349 -20.78 28.68 6.20
C LEU A 349 -22.16 28.99 5.64
N LEU A 350 -22.86 29.86 6.34
CA LEU A 350 -24.18 30.29 5.93
C LEU A 350 -24.11 31.68 5.32
N LEU A 351 -24.68 31.81 4.13
CA LEU A 351 -24.74 33.09 3.40
C LEU A 351 -26.03 33.86 3.68
N LYS B 28 20.71 -46.37 9.21
CA LYS B 28 21.51 -45.43 8.35
C LYS B 28 21.55 -44.00 8.92
N LEU B 29 22.78 -43.45 8.99
CA LEU B 29 23.04 -42.13 9.58
C LEU B 29 23.61 -41.13 8.58
N MET B 30 23.54 -39.84 8.92
CA MET B 30 24.01 -38.78 8.03
C MET B 30 24.56 -37.56 8.77
N ARG B 31 25.31 -36.73 8.02
CA ARG B 31 25.63 -35.36 8.42
C ARG B 31 24.42 -34.44 8.23
N ALA B 32 24.11 -33.68 9.27
CA ALA B 32 23.10 -32.66 9.19
C ALA B 32 23.39 -31.55 10.21
N VAL B 33 22.97 -30.34 9.84
CA VAL B 33 23.00 -29.24 10.78
C VAL B 33 21.79 -29.41 11.69
N ARG B 34 22.01 -29.28 12.99
CA ARG B 34 20.95 -29.31 13.99
C ARG B 34 21.03 -28.05 14.84
N VAL B 35 19.85 -27.48 15.12
CA VAL B 35 19.70 -26.41 16.08
C VAL B 35 18.96 -26.95 17.31
N PHE B 36 19.61 -26.88 18.46
CA PHE B 36 19.06 -27.41 19.71
C PHE B 36 18.48 -26.27 20.57
N GLU B 37 18.96 -25.05 20.31
CA GLU B 37 18.44 -23.86 20.97
C GLU B 37 18.61 -22.65 20.06
N PHE B 38 17.71 -21.69 20.18
CA PHE B 38 17.78 -20.50 19.34
C PHE B 38 18.93 -19.57 19.75
N GLY B 39 19.40 -18.75 18.81
CA GLY B 39 20.52 -17.85 19.13
C GLY B 39 21.28 -17.38 17.90
N GLY B 40 22.52 -16.96 18.11
CA GLY B 40 23.40 -16.52 17.01
C GLY B 40 23.84 -17.67 16.12
N PRO B 41 24.63 -17.37 15.07
CA PRO B 41 25.06 -18.45 14.15
C PRO B 41 25.75 -19.64 14.88
N GLU B 42 26.30 -19.40 16.08
CA GLU B 42 27.00 -20.42 16.84
C GLU B 42 26.12 -21.60 17.27
N VAL B 43 24.79 -21.41 17.23
CA VAL B 43 23.86 -22.49 17.60
C VAL B 43 23.70 -23.57 16.51
N LEU B 44 24.18 -23.29 15.30
CA LEU B 44 24.12 -24.23 14.17
C LEU B 44 25.18 -25.30 14.41
N LYS B 45 24.74 -26.50 14.82
CA LYS B 45 25.64 -27.62 15.13
C LYS B 45 25.71 -28.58 13.94
N LEU B 46 26.92 -29.01 13.63
CA LEU B 46 27.10 -30.12 12.71
C LEU B 46 27.12 -31.44 13.46
N ARG B 47 26.18 -32.33 13.11
CA ARG B 47 26.14 -33.67 13.69
C ARG B 47 26.30 -34.69 12.58
N SER B 48 27.01 -35.78 12.85
CA SER B 48 27.18 -36.86 11.88
C SER B 48 26.43 -38.15 12.28
N ASP B 49 25.48 -38.03 13.21
CA ASP B 49 24.82 -39.20 13.76
C ASP B 49 23.30 -39.08 13.65
N ILE B 50 22.86 -38.39 12.62
CA ILE B 50 21.45 -38.07 12.42
C ILE B 50 20.86 -39.18 11.57
N ALA B 51 19.73 -39.72 11.99
CA ALA B 51 19.02 -40.79 11.27
C ALA B 51 18.52 -40.27 9.92
N VAL B 52 18.73 -41.05 8.86
CA VAL B 52 18.20 -40.76 7.54
C VAL B 52 16.67 -41.04 7.53
N PRO B 53 15.87 -40.01 7.18
CA PRO B 53 14.40 -40.19 7.10
C PRO B 53 14.01 -41.25 6.05
N ILE B 54 12.84 -41.85 6.23
CA ILE B 54 12.30 -42.89 5.35
C ILE B 54 10.98 -42.33 4.84
N PRO B 55 10.86 -42.08 3.52
CA PRO B 55 9.66 -41.39 3.05
C PRO B 55 8.44 -42.34 2.98
N LYS B 56 7.27 -41.81 3.29
CA LYS B 56 6.06 -42.60 3.21
C LYS B 56 4.98 -41.77 2.57
N ASP B 57 3.94 -42.43 2.05
CA ASP B 57 2.79 -41.75 1.48
C ASP B 57 3.25 -40.81 0.35
N HIS B 58 2.99 -39.50 0.47
CA HIS B 58 3.41 -38.55 -0.59
C HIS B 58 4.80 -37.90 -0.36
N GLN B 59 5.57 -38.44 0.56
CA GLN B 59 6.90 -37.88 0.84
C GLN B 59 7.94 -38.47 -0.13
N VAL B 60 8.99 -37.72 -0.39
CA VAL B 60 10.15 -38.25 -1.11
C VAL B 60 11.41 -37.97 -0.25
N LEU B 61 12.46 -38.72 -0.53
CA LEU B 61 13.75 -38.51 0.12
C LEU B 61 14.72 -38.09 -0.99
N ILE B 62 15.38 -36.96 -0.76
CA ILE B 62 16.33 -36.40 -1.75
C ILE B 62 17.75 -36.50 -1.21
N LYS B 63 18.65 -37.11 -1.99
CA LYS B 63 20.07 -37.00 -1.71
C LYS B 63 20.57 -35.58 -2.11
N VAL B 64 20.88 -34.78 -1.12
CA VAL B 64 21.12 -33.36 -1.32
C VAL B 64 22.53 -33.10 -1.87
N HIS B 65 22.61 -32.40 -3.00
CA HIS B 65 23.90 -31.95 -3.54
C HIS B 65 24.27 -30.51 -3.11
N ALA B 66 23.24 -29.66 -3.00
CA ALA B 66 23.44 -28.30 -2.51
C ALA B 66 22.15 -27.83 -1.86
N CYS B 67 22.27 -26.85 -0.98
CA CYS B 67 21.11 -26.22 -0.34
C CYS B 67 21.33 -24.72 -0.29
N GLY B 68 20.30 -23.97 -0.67
CA GLY B 68 20.36 -22.49 -0.68
C GLY B 68 20.40 -21.98 0.75
N VAL B 69 21.10 -20.88 0.97
CA VAL B 69 21.01 -20.19 2.25
C VAL B 69 20.08 -18.99 2.03
N ASN B 70 18.96 -18.97 2.75
CA ASN B 70 18.05 -17.82 2.70
C ASN B 70 18.11 -17.01 4.00
N PRO B 71 18.11 -15.65 3.90
CA PRO B 71 18.13 -14.86 5.15
C PRO B 71 17.03 -15.26 6.18
N VAL B 72 15.85 -15.71 5.73
CA VAL B 72 14.81 -16.17 6.68
C VAL B 72 15.31 -17.30 7.62
N GLU B 73 16.26 -18.12 7.15
CA GLU B 73 16.83 -19.17 8.00
C GLU B 73 17.60 -18.57 9.19
N THR B 74 18.26 -17.42 8.98
CA THR B 74 18.96 -16.71 10.06
C THR B 74 17.95 -16.17 11.08
N TYR B 75 16.79 -15.70 10.61
CA TYR B 75 15.76 -15.11 11.50
C TYR B 75 15.14 -16.21 12.35
N ILE B 76 14.84 -17.33 11.68
CA ILE B 76 14.30 -18.51 12.36
C ILE B 76 15.26 -18.97 13.45
N ARG B 77 16.53 -19.12 13.08
CA ARG B 77 17.57 -19.62 13.97
C ARG B 77 17.68 -18.70 15.20
N SER B 78 17.49 -17.39 15.00
CA SER B 78 17.62 -16.42 16.09
C SER B 78 16.52 -16.55 17.13
N GLY B 79 15.40 -17.18 16.78
CA GLY B 79 14.33 -17.44 17.76
C GLY B 79 13.31 -16.31 17.82
N THR B 80 13.58 -15.25 17.06
CA THR B 80 12.77 -14.03 17.08
C THR B 80 11.91 -13.85 15.82
N TYR B 81 11.83 -14.87 14.97
CA TYR B 81 10.95 -14.80 13.81
C TYR B 81 9.54 -15.30 14.17
N SER B 82 8.57 -15.01 13.32
CA SER B 82 7.18 -15.47 13.53
C SER B 82 7.05 -17.02 13.50
N ARG B 83 7.79 -17.71 12.62
CA ARG B 83 7.94 -19.17 12.75
C ARG B 83 9.02 -19.53 13.78
N LYS B 84 8.65 -20.37 14.75
CA LYS B 84 9.58 -20.96 15.69
C LYS B 84 9.40 -22.48 15.60
N PRO B 85 10.24 -23.17 14.80
CA PRO B 85 10.09 -24.63 14.73
C PRO B 85 10.31 -25.27 16.10
N LEU B 86 9.81 -26.49 16.23
CA LEU B 86 10.08 -27.27 17.41
C LEU B 86 11.56 -27.68 17.42
N LEU B 87 12.19 -27.52 18.58
CA LEU B 87 13.60 -27.86 18.76
C LEU B 87 13.74 -29.34 19.14
N PRO B 88 14.76 -30.03 18.62
CA PRO B 88 15.76 -29.55 17.68
C PRO B 88 15.21 -29.63 16.25
N TYR B 89 15.87 -28.95 15.32
CA TYR B 89 15.50 -29.02 13.91
C TYR B 89 16.73 -28.83 13.02
N THR B 90 16.54 -29.15 11.74
CA THR B 90 17.52 -28.89 10.70
C THR B 90 16.95 -27.78 9.83
N PRO B 91 17.72 -26.68 9.68
CA PRO B 91 17.26 -25.55 8.81
C PRO B 91 17.20 -25.95 7.32
N GLY B 92 16.52 -25.14 6.50
CA GLY B 92 16.71 -25.18 5.05
C GLY B 92 15.52 -25.71 4.27
N SER B 93 15.06 -24.91 3.31
CA SER B 93 13.90 -25.24 2.46
C SER B 93 14.26 -25.59 0.99
N ASP B 94 15.43 -25.13 0.53
CA ASP B 94 15.71 -25.08 -0.91
C ASP B 94 16.89 -25.98 -1.23
N VAL B 95 16.61 -27.24 -1.52
CA VAL B 95 17.67 -28.17 -1.87
C VAL B 95 17.62 -28.45 -3.34
N ALA B 96 18.73 -28.91 -3.87
CA ALA B 96 18.70 -29.64 -5.12
C ALA B 96 19.55 -30.89 -5.06
N GLY B 97 19.13 -31.90 -5.81
CA GLY B 97 19.70 -33.22 -5.72
C GLY B 97 18.96 -34.27 -6.53
N VAL B 98 19.11 -35.51 -6.08
CA VAL B 98 18.56 -36.66 -6.77
C VAL B 98 17.65 -37.38 -5.78
N ILE B 99 16.45 -37.76 -6.26
CA ILE B 99 15.55 -38.64 -5.52
C ILE B 99 16.28 -39.94 -5.15
N GLU B 100 16.30 -40.21 -3.86
CA GLU B 100 16.92 -41.41 -3.27
C GLU B 100 15.83 -42.48 -3.02
N ALA B 101 14.64 -42.05 -2.60
CA ALA B 101 13.51 -42.98 -2.33
C ALA B 101 12.21 -42.18 -2.35
N VAL B 102 11.11 -42.89 -2.58
CA VAL B 102 9.78 -42.30 -2.66
C VAL B 102 8.78 -43.05 -1.78
N GLY B 103 7.79 -42.32 -1.27
CA GLY B 103 6.67 -42.94 -0.58
C GLY B 103 5.80 -43.59 -1.64
N ASP B 104 4.86 -44.44 -1.20
CA ASP B 104 3.95 -45.21 -2.10
C ASP B 104 3.07 -44.36 -3.01
N ASN B 105 2.78 -43.12 -2.62
CA ASN B 105 1.86 -42.30 -3.40
C ASN B 105 2.51 -41.13 -4.11
N ALA B 106 3.84 -41.06 -4.06
CA ALA B 106 4.58 -39.92 -4.64
C ALA B 106 4.93 -40.23 -6.10
N SER B 107 3.88 -40.43 -6.88
CA SER B 107 3.96 -41.05 -8.21
C SER B 107 4.68 -40.16 -9.25
N ALA B 108 4.69 -38.86 -9.04
CA ALA B 108 5.38 -37.95 -9.95
C ALA B 108 6.92 -38.08 -9.96
N PHE B 109 7.49 -38.84 -9.02
CA PHE B 109 8.95 -38.95 -8.85
C PHE B 109 9.42 -40.39 -8.77
N LYS B 110 10.66 -40.62 -9.21
CA LYS B 110 11.27 -41.92 -9.09
C LYS B 110 12.74 -41.75 -8.74
N LYS B 111 13.33 -42.77 -8.15
CA LYS B 111 14.76 -42.76 -7.80
C LYS B 111 15.65 -42.39 -9.00
N GLY B 112 16.60 -41.48 -8.76
CA GLY B 112 17.45 -40.97 -9.83
C GLY B 112 17.00 -39.65 -10.45
N ASP B 113 15.75 -39.22 -10.24
CA ASP B 113 15.28 -37.93 -10.76
C ASP B 113 16.07 -36.74 -10.18
N ARG B 114 16.47 -35.81 -11.04
CA ARG B 114 17.15 -34.60 -10.62
C ARG B 114 16.03 -33.62 -10.26
N VAL B 115 16.07 -33.12 -9.02
CA VAL B 115 14.99 -32.28 -8.51
C VAL B 115 15.50 -31.07 -7.71
N PHE B 116 14.62 -30.09 -7.48
CA PHE B 116 14.88 -29.04 -6.53
C PHE B 116 13.58 -28.76 -5.72
N THR B 117 13.74 -28.04 -4.62
CA THR B 117 12.63 -27.82 -3.67
C THR B 117 12.39 -26.36 -3.32
N SER B 118 11.17 -26.09 -2.84
CA SER B 118 10.83 -24.80 -2.22
C SER B 118 10.46 -25.00 -0.76
N SER B 119 10.33 -26.26 -0.35
CA SER B 119 10.19 -26.62 1.07
C SER B 119 10.84 -27.96 1.30
N THR B 120 11.20 -28.24 2.56
CA THR B 120 11.45 -29.62 2.98
C THR B 120 10.75 -29.88 4.32
N ILE B 121 10.57 -31.16 4.63
CA ILE B 121 10.06 -31.60 5.93
C ILE B 121 11.16 -31.69 6.98
N SER B 122 12.24 -32.41 6.64
CA SER B 122 13.26 -32.76 7.63
C SER B 122 14.40 -31.71 7.69
N GLY B 123 14.42 -30.79 6.72
CA GLY B 123 15.47 -29.77 6.63
C GLY B 123 16.50 -30.01 5.54
N GLY B 124 16.83 -28.97 4.80
CA GLY B 124 17.75 -29.09 3.66
C GLY B 124 19.25 -29.08 3.95
N TYR B 125 19.64 -28.56 5.12
CA TYR B 125 21.05 -28.49 5.54
C TYR B 125 21.52 -29.88 6.01
N ALA B 126 21.60 -30.82 5.06
CA ALA B 126 21.76 -32.23 5.42
C ALA B 126 22.08 -33.01 4.16
N GLU B 127 22.71 -34.17 4.34
CA GLU B 127 23.01 -35.07 3.23
C GLU B 127 21.74 -35.61 2.52
N TYR B 128 20.68 -35.83 3.29
CA TYR B 128 19.38 -36.27 2.78
C TYR B 128 18.29 -35.42 3.42
N ALA B 129 17.28 -35.13 2.60
CA ALA B 129 16.19 -34.29 3.03
C ALA B 129 14.88 -34.97 2.66
N LEU B 130 13.99 -35.05 3.64
CA LEU B 130 12.64 -35.51 3.43
C LEU B 130 11.86 -34.29 2.96
N ALA B 131 11.06 -34.45 1.89
CA ALA B 131 10.19 -33.37 1.43
C ALA B 131 8.82 -33.90 0.97
N ALA B 132 7.79 -33.07 1.12
CA ALA B 132 6.46 -33.38 0.58
C ALA B 132 6.51 -33.28 -0.96
N ASP B 133 5.90 -34.24 -1.66
CA ASP B 133 6.02 -34.28 -3.16
C ASP B 133 5.56 -32.99 -3.89
N HIS B 134 4.65 -32.22 -3.27
CA HIS B 134 4.11 -31.01 -3.88
C HIS B 134 5.03 -29.77 -3.70
N THR B 135 6.15 -29.92 -2.98
CA THR B 135 7.13 -28.83 -2.80
C THR B 135 8.47 -29.21 -3.49
N VAL B 136 8.39 -30.20 -4.35
CA VAL B 136 9.52 -30.73 -5.12
C VAL B 136 9.22 -30.58 -6.63
N TYR B 137 10.21 -30.18 -7.41
CA TYR B 137 10.03 -29.95 -8.86
C TYR B 137 11.18 -30.60 -9.62
N LYS B 138 10.92 -31.06 -10.85
CA LYS B 138 12.02 -31.52 -11.69
C LYS B 138 13.01 -30.38 -12.02
N LEU B 139 14.29 -30.74 -11.97
CA LEU B 139 15.40 -29.83 -12.32
C LEU B 139 15.80 -30.07 -13.79
N PRO B 140 15.57 -29.07 -14.67
CA PRO B 140 15.97 -29.29 -16.07
C PRO B 140 17.46 -29.64 -16.19
N GLU B 141 17.80 -30.48 -17.17
CA GLU B 141 19.15 -31.05 -17.32
C GLU B 141 20.25 -29.98 -17.45
N LYS B 142 19.88 -28.84 -18.04
CA LYS B 142 20.76 -27.70 -18.26
C LYS B 142 21.01 -26.76 -17.05
N LEU B 143 20.41 -27.07 -15.92
CA LEU B 143 20.78 -26.37 -14.70
C LEU B 143 21.48 -27.35 -13.78
N ASP B 144 22.59 -26.95 -13.16
CA ASP B 144 23.27 -27.89 -12.28
C ASP B 144 22.61 -27.84 -10.89
N PHE B 145 23.02 -28.72 -9.97
CA PHE B 145 22.41 -28.74 -8.61
C PHE B 145 22.66 -27.45 -7.80
N LYS B 146 23.84 -26.86 -7.95
CA LYS B 146 24.12 -25.53 -7.36
C LYS B 146 23.05 -24.48 -7.76
N GLN B 147 22.73 -24.42 -9.06
CA GLN B 147 21.71 -23.51 -9.56
C GLN B 147 20.33 -23.93 -9.03
N GLY B 148 20.03 -25.25 -9.01
CA GLY B 148 18.75 -25.73 -8.48
C GLY B 148 18.50 -25.27 -7.04
N ALA B 149 19.58 -25.15 -6.27
CA ALA B 149 19.51 -24.71 -4.86
C ALA B 149 19.20 -23.21 -4.68
N ALA B 150 19.30 -22.44 -5.78
CA ALA B 150 19.06 -21.00 -5.85
C ALA B 150 17.60 -20.62 -6.17
N ILE B 151 16.77 -21.62 -6.46
CA ILE B 151 15.49 -21.37 -7.08
C ILE B 151 14.36 -21.10 -6.09
N GLY B 152 14.26 -21.95 -5.06
CA GLY B 152 13.00 -22.17 -4.33
C GLY B 152 12.38 -20.90 -3.79
N ILE B 153 12.93 -20.33 -2.73
CA ILE B 153 12.41 -19.08 -2.20
C ILE B 153 12.66 -17.90 -3.16
N PRO B 154 13.91 -17.73 -3.65
CA PRO B 154 14.18 -16.49 -4.45
C PRO B 154 13.32 -16.25 -5.69
N TYR B 155 13.14 -17.28 -6.51
CA TYR B 155 12.48 -17.08 -7.80
C TYR B 155 10.97 -17.13 -7.61
N PHE B 156 10.50 -18.00 -6.70
CA PHE B 156 9.05 -18.00 -6.43
C PHE B 156 8.62 -16.67 -5.77
N THR B 157 9.43 -16.17 -4.84
CA THR B 157 9.16 -14.88 -4.19
C THR B 157 9.17 -13.75 -5.26
N ALA B 158 10.21 -13.70 -6.09
CA ALA B 158 10.32 -12.62 -7.07
C ALA B 158 9.11 -12.63 -8.04
N TYR B 159 8.70 -13.83 -8.45
CA TYR B 159 7.58 -13.97 -9.38
C TYR B 159 6.27 -13.48 -8.71
N ARG B 160 6.02 -13.92 -7.48
CA ARG B 160 4.83 -13.44 -6.75
C ARG B 160 4.88 -11.91 -6.63
N ALA B 161 6.01 -11.36 -6.21
CA ALA B 161 6.14 -9.90 -6.03
C ALA B 161 5.82 -9.13 -7.34
N LEU B 162 6.36 -9.61 -8.46
CA LEU B 162 6.17 -8.93 -9.72
C LEU B 162 4.77 -9.16 -10.37
N ILE B 163 4.40 -10.44 -10.54
CA ILE B 163 3.17 -10.82 -11.23
C ILE B 163 1.93 -10.61 -10.34
N HIS B 164 2.00 -11.06 -9.08
CA HIS B 164 0.85 -11.03 -8.17
C HIS B 164 0.73 -9.66 -7.44
N SER B 165 1.78 -9.27 -6.74
CA SER B 165 1.71 -8.10 -5.87
C SER B 165 1.68 -6.80 -6.71
N ALA B 166 2.57 -6.72 -7.69
CA ALA B 166 2.77 -5.48 -8.47
C ALA B 166 1.88 -5.48 -9.72
N CYS B 167 1.40 -6.66 -10.08
CA CYS B 167 0.65 -6.85 -11.33
C CYS B 167 1.37 -6.19 -12.54
N VAL B 168 2.64 -6.53 -12.73
CA VAL B 168 3.46 -5.84 -13.75
C VAL B 168 2.91 -6.07 -15.17
N LYS B 169 3.11 -5.07 -16.01
CA LYS B 169 2.81 -5.15 -17.44
C LYS B 169 4.11 -4.87 -18.19
N ALA B 170 4.24 -5.49 -19.37
CA ALA B 170 5.37 -5.23 -20.27
C ALA B 170 5.52 -3.74 -20.54
N GLY B 171 6.78 -3.29 -20.59
CA GLY B 171 7.10 -1.88 -20.81
C GLY B 171 7.11 -0.97 -19.59
N GLU B 172 6.64 -1.44 -18.43
CA GLU B 172 6.71 -0.61 -17.22
C GLU B 172 8.17 -0.61 -16.73
N SER B 173 8.49 0.37 -15.91
CA SER B 173 9.81 0.50 -15.31
C SER B 173 9.84 -0.11 -13.88
N VAL B 174 10.93 -0.74 -13.53
CA VAL B 174 11.10 -1.34 -12.21
C VAL B 174 12.48 -1.04 -11.64
N LEU B 175 12.52 -0.73 -10.36
CA LEU B 175 13.79 -0.60 -9.64
C LEU B 175 13.85 -1.81 -8.70
N VAL B 176 14.85 -2.65 -8.87
CA VAL B 176 15.09 -3.72 -7.92
C VAL B 176 16.14 -3.15 -6.94
N HIS B 177 15.67 -2.86 -5.73
CA HIS B 177 16.46 -2.18 -4.69
C HIS B 177 17.07 -3.22 -3.75
N GLY B 178 18.32 -3.62 -4.08
CA GLY B 178 18.95 -4.84 -3.56
C GLY B 178 18.88 -5.97 -4.60
N ALA B 179 19.51 -5.73 -5.74
CA ALA B 179 19.39 -6.56 -6.92
C ALA B 179 20.45 -7.68 -7.02
N SER B 180 21.51 -7.60 -6.20
CA SER B 180 22.71 -8.47 -6.34
C SER B 180 22.62 -9.81 -5.60
N GLY B 181 21.60 -9.98 -4.74
CA GLY B 181 21.43 -11.21 -3.98
C GLY B 181 20.47 -12.17 -4.65
N GLY B 182 19.98 -13.15 -3.90
CA GLY B 182 19.18 -14.21 -4.49
C GLY B 182 17.85 -13.77 -5.10
N VAL B 183 17.03 -13.05 -4.32
CA VAL B 183 15.74 -12.59 -4.83
C VAL B 183 15.95 -11.52 -5.91
N GLY B 184 16.91 -10.63 -5.69
CA GLY B 184 17.18 -9.50 -6.61
C GLY B 184 17.52 -9.93 -8.01
N LEU B 185 18.44 -10.89 -8.13
CA LEU B 185 18.82 -11.37 -9.47
C LEU B 185 17.64 -12.08 -10.14
N ALA B 186 16.88 -12.86 -9.34
CA ALA B 186 15.67 -13.53 -9.81
C ALA B 186 14.69 -12.46 -10.35
N ALA B 187 14.50 -11.37 -9.59
CA ALA B 187 13.61 -10.27 -10.05
C ALA B 187 14.09 -9.64 -11.35
N CYS B 188 15.42 -9.44 -11.50
CA CYS B 188 15.97 -8.87 -12.72
C CYS B 188 15.68 -9.79 -13.89
N GLN B 189 15.88 -11.12 -13.69
CA GLN B 189 15.69 -12.03 -14.81
C GLN B 189 14.22 -12.13 -15.22
N ILE B 190 13.33 -12.22 -14.24
CA ILE B 190 11.87 -12.28 -14.53
C ILE B 190 11.40 -10.98 -15.23
N ALA B 191 11.74 -9.83 -14.63
CA ALA B 191 11.43 -8.52 -15.20
C ALA B 191 11.90 -8.37 -16.64
N ARG B 192 13.13 -8.81 -16.92
CA ARG B 192 13.67 -8.80 -18.26
C ARG B 192 12.83 -9.63 -19.21
N ALA B 193 12.49 -10.84 -18.78
CA ALA B 193 11.69 -11.76 -19.62
C ALA B 193 10.28 -11.19 -19.89
N TYR B 194 9.76 -10.42 -18.95
CA TYR B 194 8.40 -9.90 -19.02
C TYR B 194 8.42 -8.50 -19.64
N GLY B 195 9.56 -8.09 -20.23
CA GLY B 195 9.64 -6.83 -21.01
C GLY B 195 9.72 -5.47 -20.28
N LEU B 196 10.22 -5.45 -19.04
CA LEU B 196 10.30 -4.22 -18.26
C LEU B 196 11.62 -3.47 -18.50
N LYS B 197 11.59 -2.15 -18.25
CA LYS B 197 12.78 -1.34 -18.18
C LYS B 197 13.31 -1.46 -16.74
N ILE B 198 14.57 -1.89 -16.60
CA ILE B 198 15.06 -2.38 -15.30
C ILE B 198 16.25 -1.60 -14.75
N LEU B 199 16.09 -1.17 -13.51
CA LEU B 199 17.16 -0.54 -12.76
C LEU B 199 17.44 -1.46 -11.61
N GLY B 200 18.72 -1.61 -11.28
CA GLY B 200 19.11 -2.39 -10.11
C GLY B 200 20.13 -1.66 -9.27
N THR B 201 20.22 -2.07 -8.01
CA THR B 201 21.28 -1.53 -7.12
C THR B 201 22.12 -2.66 -6.52
N ALA B 202 23.39 -2.34 -6.22
CA ALA B 202 24.29 -3.29 -5.61
C ALA B 202 25.29 -2.50 -4.79
N GLY B 203 25.96 -3.19 -3.87
CA GLY B 203 26.86 -2.50 -2.93
C GLY B 203 28.32 -2.54 -3.27
N THR B 204 28.67 -3.30 -4.31
CA THR B 204 30.06 -3.50 -4.74
C THR B 204 30.15 -3.38 -6.28
N GLU B 205 31.36 -3.17 -6.78
CA GLU B 205 31.64 -3.21 -8.22
C GLU B 205 31.28 -4.57 -8.86
N GLU B 206 31.72 -5.67 -8.26
CA GLU B 206 31.41 -6.99 -8.83
C GLU B 206 29.89 -7.26 -8.84
N GLY B 207 29.21 -6.91 -7.75
CA GLY B 207 27.76 -7.03 -7.67
C GLY B 207 27.07 -6.21 -8.78
N GLN B 208 27.56 -4.99 -9.02
CA GLN B 208 27.01 -4.15 -10.08
C GLN B 208 27.13 -4.81 -11.44
N LYS B 209 28.31 -5.37 -11.71
CA LYS B 209 28.57 -6.09 -12.96
C LYS B 209 27.62 -7.29 -13.17
N ILE B 210 27.43 -8.08 -12.11
CA ILE B 210 26.56 -9.25 -12.17
C ILE B 210 25.10 -8.80 -12.44
N VAL B 211 24.69 -7.70 -11.81
CA VAL B 211 23.30 -7.23 -11.98
C VAL B 211 23.06 -6.82 -13.44
N LEU B 212 24.03 -6.14 -14.06
CA LEU B 212 23.98 -5.79 -15.50
C LEU B 212 23.98 -7.00 -16.45
N GLN B 213 24.65 -8.09 -16.07
CA GLN B 213 24.63 -9.37 -16.82
C GLN B 213 23.30 -10.15 -16.68
N ASN B 214 22.48 -9.77 -15.71
CA ASN B 214 21.28 -10.52 -15.43
C ASN B 214 19.98 -9.79 -15.62
N GLY B 215 20.00 -8.77 -16.48
CA GLY B 215 18.73 -8.16 -16.84
C GLY B 215 18.64 -6.67 -16.67
N ALA B 216 19.42 -6.07 -15.76
CA ALA B 216 19.27 -4.62 -15.52
C ALA B 216 19.78 -3.81 -16.70
N HIS B 217 19.03 -2.77 -17.09
CA HIS B 217 19.50 -1.84 -18.13
C HIS B 217 20.50 -0.87 -17.55
N GLU B 218 20.34 -0.58 -16.27
CA GLU B 218 21.17 0.39 -15.57
C GLU B 218 21.35 -0.03 -14.11
N VAL B 219 22.55 0.20 -13.57
CA VAL B 219 22.82 -0.20 -12.18
C VAL B 219 23.41 0.99 -11.35
N PHE B 220 23.14 0.98 -10.05
CA PHE B 220 23.56 2.03 -9.12
C PHE B 220 24.17 1.36 -7.89
N ASN B 221 25.04 2.10 -7.20
CA ASN B 221 25.69 1.59 -5.99
C ASN B 221 24.95 2.15 -4.77
N HIS B 222 24.24 1.27 -4.07
CA HIS B 222 23.48 1.70 -2.89
C HIS B 222 24.33 2.06 -1.67
N ARG B 223 25.65 1.96 -1.78
CA ARG B 223 26.54 2.50 -0.75
C ARG B 223 27.01 3.93 -1.03
N GLU B 224 26.68 4.46 -2.21
CA GLU B 224 27.11 5.83 -2.55
C GLU B 224 26.20 6.86 -1.95
N VAL B 225 26.80 7.95 -1.45
CA VAL B 225 26.01 8.97 -0.73
C VAL B 225 24.86 9.54 -1.60
N ASN B 226 25.12 9.76 -2.89
CA ASN B 226 24.12 10.38 -3.76
C ASN B 226 23.50 9.49 -4.84
N TYR B 227 23.50 8.17 -4.62
CA TYR B 227 22.97 7.28 -5.66
C TYR B 227 21.48 7.52 -5.96
N ILE B 228 20.69 7.95 -4.97
CA ILE B 228 19.27 8.26 -5.21
C ILE B 228 19.13 9.44 -6.19
N ASP B 229 20.02 10.43 -6.05
CA ASP B 229 20.08 11.54 -7.00
C ASP B 229 20.38 11.06 -8.42
N LYS B 230 21.29 10.11 -8.55
CA LYS B 230 21.64 9.55 -9.83
C LYS B 230 20.46 8.77 -10.44
N ILE B 231 19.72 8.04 -9.59
CA ILE B 231 18.50 7.37 -10.04
C ILE B 231 17.47 8.40 -10.56
N LYS B 232 17.21 9.45 -9.79
CA LYS B 232 16.27 10.51 -10.18
C LYS B 232 16.68 11.19 -11.48
N LYS B 233 17.98 11.51 -11.61
CA LYS B 233 18.52 12.08 -12.85
C LYS B 233 18.26 11.11 -14.01
N TYR B 234 18.46 9.83 -13.76
CA TYR B 234 18.24 8.82 -14.78
C TYR B 234 16.76 8.69 -15.20
N VAL B 235 15.84 8.69 -14.25
CA VAL B 235 14.44 8.42 -14.61
C VAL B 235 13.68 9.68 -15.02
N GLY B 236 14.15 10.84 -14.52
CA GLY B 236 13.51 12.12 -14.75
C GLY B 236 12.18 12.23 -14.00
N GLU B 237 11.34 13.15 -14.45
CA GLU B 237 10.13 13.46 -13.70
C GLU B 237 9.06 12.35 -13.72
N LYS B 238 9.05 11.51 -14.76
CA LYS B 238 8.09 10.42 -14.82
C LYS B 238 8.22 9.42 -13.65
N GLY B 239 9.43 9.24 -13.12
CA GLY B 239 9.61 8.34 -11.97
C GLY B 239 9.56 6.87 -12.38
N ILE B 240 9.42 5.99 -11.39
CA ILE B 240 9.50 4.55 -11.57
C ILE B 240 8.16 3.88 -11.26
N ASP B 241 7.71 2.98 -12.14
CA ASP B 241 6.42 2.33 -11.94
C ASP B 241 6.37 1.34 -10.77
N ILE B 242 7.41 0.52 -10.65
CA ILE B 242 7.50 -0.55 -9.62
C ILE B 242 8.83 -0.50 -8.90
N ILE B 243 8.79 -0.65 -7.59
CA ILE B 243 10.02 -0.82 -6.81
C ILE B 243 9.89 -2.15 -6.08
N ILE B 244 10.86 -3.04 -6.30
CA ILE B 244 10.91 -4.29 -5.52
C ILE B 244 11.94 -4.04 -4.43
N GLU B 245 11.47 -3.85 -3.21
CA GLU B 245 12.28 -3.36 -2.10
C GLU B 245 12.77 -4.47 -1.17
N MET B 246 14.09 -4.69 -1.14
CA MET B 246 14.70 -5.67 -0.21
C MET B 246 14.99 -5.17 1.21
N LEU B 247 15.03 -3.85 1.38
CA LEU B 247 15.43 -3.30 2.66
C LEU B 247 14.60 -2.08 2.97
N ALA B 248 13.29 -2.32 3.09
CA ALA B 248 12.32 -1.26 3.29
C ALA B 248 12.57 -0.31 4.49
N ASN B 249 13.09 -0.82 5.61
CA ASN B 249 13.44 0.02 6.77
C ASN B 249 14.51 1.11 6.49
N VAL B 250 15.31 0.92 5.44
CA VAL B 250 16.27 1.92 5.00
C VAL B 250 15.70 2.75 3.82
N ASN B 251 14.97 2.10 2.92
CA ASN B 251 14.63 2.75 1.65
C ASN B 251 13.20 3.26 1.42
N LEU B 252 12.25 2.93 2.28
CA LEU B 252 10.85 3.13 1.93
C LEU B 252 10.53 4.60 1.61
N SER B 253 11.10 5.55 2.40
CA SER B 253 10.76 6.98 2.19
C SER B 253 11.31 7.48 0.85
N LYS B 254 12.61 7.20 0.61
CA LYS B 254 13.22 7.47 -0.70
C LYS B 254 12.46 6.80 -1.87
N ASP B 255 12.03 5.53 -1.69
CA ASP B 255 11.20 4.83 -2.68
C ASP B 255 9.94 5.62 -3.07
N LEU B 256 9.24 6.16 -2.07
CA LEU B 256 7.99 6.93 -2.31
C LEU B 256 8.25 8.15 -3.21
N SER B 257 9.40 8.81 -3.02
CA SER B 257 9.80 9.93 -3.87
C SER B 257 10.08 9.51 -5.32
N LEU B 258 10.47 8.25 -5.56
CA LEU B 258 10.87 7.78 -6.89
C LEU B 258 9.71 7.27 -7.73
N LEU B 259 8.63 6.89 -7.05
CA LEU B 259 7.45 6.33 -7.73
C LEU B 259 6.83 7.26 -8.74
N SER B 260 6.38 6.67 -9.85
CA SER B 260 5.53 7.36 -10.79
C SER B 260 4.13 7.49 -10.19
N HIS B 261 3.35 8.35 -10.81
CA HIS B 261 1.91 8.36 -10.55
C HIS B 261 1.30 6.97 -10.67
N GLY B 262 0.61 6.53 -9.61
CA GLY B 262 0.04 5.20 -9.60
C GLY B 262 1.05 4.08 -9.39
N GLY B 263 2.29 4.44 -9.03
CA GLY B 263 3.36 3.49 -8.81
C GLY B 263 3.13 2.66 -7.55
N ARG B 264 3.87 1.57 -7.47
CA ARG B 264 3.82 0.69 -6.28
C ARG B 264 5.20 0.22 -5.85
N VAL B 265 5.40 0.24 -4.54
CA VAL B 265 6.59 -0.37 -3.92
C VAL B 265 6.12 -1.66 -3.23
N ILE B 266 6.81 -2.73 -3.60
CA ILE B 266 6.56 -4.04 -3.02
C ILE B 266 7.60 -4.31 -1.92
N VAL B 267 7.09 -4.50 -0.71
CA VAL B 267 7.96 -4.74 0.46
C VAL B 267 8.25 -6.26 0.50
N VAL B 268 9.41 -6.62 -0.03
CA VAL B 268 9.96 -7.97 0.03
C VAL B 268 10.77 -8.20 1.30
N GLY B 269 11.68 -7.28 1.61
CA GLY B 269 12.53 -7.41 2.80
C GLY B 269 12.42 -6.16 3.69
N SER B 270 12.56 -6.38 4.98
CA SER B 270 12.53 -5.30 5.97
C SER B 270 13.14 -5.75 7.29
N ARG B 271 14.02 -4.93 7.84
CA ARG B 271 14.72 -5.28 9.07
C ARG B 271 14.74 -4.15 10.07
N GLY B 272 13.66 -3.37 10.17
CA GLY B 272 13.58 -2.32 11.17
C GLY B 272 12.46 -1.34 10.88
N THR B 273 12.51 -0.19 11.54
CA THR B 273 11.47 0.80 11.38
C THR B 273 11.99 1.95 10.52
N ILE B 274 11.06 2.77 10.06
CA ILE B 274 11.39 3.90 9.17
C ILE B 274 10.31 4.96 9.26
N GLU B 275 10.77 6.21 9.31
CA GLU B 275 9.91 7.36 9.24
C GLU B 275 9.55 7.66 7.79
N ILE B 276 8.24 7.79 7.55
CA ILE B 276 7.74 8.13 6.24
C ILE B 276 6.73 9.26 6.39
N ASN B 277 6.45 9.95 5.28
CA ASN B 277 5.39 10.90 5.19
C ASN B 277 4.27 10.33 4.35
N PRO B 278 3.16 9.93 5.00
CA PRO B 278 2.05 9.31 4.23
C PRO B 278 1.47 10.21 3.13
N ARG B 279 1.59 11.52 3.27
CA ARG B 279 1.26 12.41 2.17
C ARG B 279 1.99 12.07 0.86
N ASP B 280 3.21 11.54 0.98
CA ASP B 280 3.97 11.10 -0.21
C ASP B 280 3.22 10.10 -1.10
N THR B 281 2.22 9.40 -0.55
CA THR B 281 1.41 8.47 -1.35
C THR B 281 0.18 9.13 -1.98
N MET B 282 -0.19 10.31 -1.50
CA MET B 282 -1.49 10.89 -1.82
C MET B 282 -1.62 11.49 -3.24
N ALA B 283 -0.81 12.48 -3.59
CA ALA B 283 -0.91 13.10 -4.94
C ALA B 283 -0.65 12.09 -6.08
N LYS B 284 0.28 11.17 -5.84
CA LYS B 284 0.60 10.10 -6.80
C LYS B 284 -0.37 8.91 -6.75
N GLU B 285 -1.19 8.83 -5.67
CA GLU B 285 -2.03 7.65 -5.44
C GLU B 285 -1.22 6.37 -5.58
N SER B 286 -0.08 6.34 -4.88
CA SER B 286 0.80 5.21 -4.98
C SER B 286 0.45 4.21 -3.85
N SER B 287 0.99 3.00 -3.97
CA SER B 287 0.74 1.91 -3.02
C SER B 287 2.03 1.34 -2.46
N ILE B 288 2.00 1.04 -1.16
CA ILE B 288 3.00 0.22 -0.51
C ILE B 288 2.33 -1.12 -0.18
N ILE B 289 2.87 -2.19 -0.75
CA ILE B 289 2.25 -3.53 -0.76
C ILE B 289 3.22 -4.62 -0.23
N GLY B 290 2.84 -5.26 0.88
CA GLY B 290 3.67 -6.31 1.46
C GLY B 290 3.47 -7.62 0.70
N VAL B 291 4.52 -8.45 0.67
CA VAL B 291 4.39 -9.78 0.09
C VAL B 291 5.07 -10.80 1.02
N THR B 292 4.51 -11.99 1.07
CA THR B 292 5.19 -13.15 1.67
C THR B 292 4.90 -14.39 0.82
N LEU B 293 5.98 -15.05 0.41
CA LEU B 293 5.83 -16.24 -0.42
C LEU B 293 4.94 -17.26 0.30
N PHE B 294 5.13 -17.42 1.61
CA PHE B 294 4.38 -18.37 2.48
C PHE B 294 2.86 -18.20 2.41
N SER B 295 2.41 -17.02 2.00
CA SER B 295 0.97 -16.73 1.89
C SER B 295 0.36 -17.31 0.64
N SER B 296 1.19 -17.69 -0.33
CA SER B 296 0.64 -18.24 -1.59
C SER B 296 -0.24 -19.50 -1.38
N THR B 297 -1.35 -19.59 -2.10
CA THR B 297 -2.13 -20.81 -2.16
C THR B 297 -1.40 -21.90 -2.96
N LYS B 298 -1.86 -23.15 -2.83
CA LYS B 298 -1.39 -24.26 -3.64
C LYS B 298 -1.57 -23.97 -5.14
N GLU B 299 -2.73 -23.44 -5.55
CA GLU B 299 -2.97 -23.06 -6.95
C GLU B 299 -1.94 -22.03 -7.45
N GLU B 300 -1.67 -21.01 -6.64
CA GLU B 300 -0.63 -20.02 -6.93
C GLU B 300 0.78 -20.64 -7.07
N PHE B 301 1.19 -21.51 -6.15
CA PHE B 301 2.46 -22.19 -6.31
C PHE B 301 2.56 -22.97 -7.62
N GLN B 302 1.46 -23.61 -8.03
CA GLN B 302 1.40 -24.38 -9.28
C GLN B 302 1.58 -23.42 -10.48
N GLN B 303 0.90 -22.26 -10.44
CA GLN B 303 1.09 -21.18 -11.42
C GLN B 303 2.57 -20.76 -11.52
N TYR B 304 3.16 -20.39 -10.38
CA TYR B 304 4.57 -19.96 -10.36
C TYR B 304 5.51 -21.04 -10.88
N ALA B 305 5.32 -22.28 -10.41
CA ALA B 305 6.14 -23.40 -10.87
C ALA B 305 6.10 -23.53 -12.41
N ALA B 306 4.89 -23.42 -13.00
CA ALA B 306 4.73 -23.53 -14.44
C ALA B 306 5.45 -22.35 -15.14
N ALA B 307 5.38 -21.16 -14.56
CA ALA B 307 6.05 -19.99 -15.13
C ALA B 307 7.60 -20.14 -15.10
N LEU B 308 8.11 -20.62 -13.96
CA LEU B 308 9.55 -20.75 -13.77
C LEU B 308 10.14 -21.93 -14.56
N GLN B 309 9.40 -23.03 -14.68
CA GLN B 309 9.80 -24.10 -15.57
C GLN B 309 9.97 -23.60 -17.02
N ALA B 310 8.98 -22.84 -17.51
CA ALA B 310 9.08 -22.23 -18.85
C ALA B 310 10.36 -21.36 -18.98
N GLY B 311 10.60 -20.48 -18.01
CA GLY B 311 11.85 -19.68 -17.94
C GLY B 311 13.13 -20.53 -18.03
N MET B 312 13.18 -21.57 -17.22
CA MET B 312 14.33 -22.48 -17.24
C MET B 312 14.51 -23.15 -18.61
N GLU B 313 13.41 -23.58 -19.25
CA GLU B 313 13.60 -24.26 -20.52
C GLU B 313 13.93 -23.31 -21.70
N ILE B 314 13.27 -22.16 -21.74
CA ILE B 314 13.62 -21.15 -22.75
C ILE B 314 15.05 -20.64 -22.47
N GLY B 315 15.39 -20.44 -21.20
CA GLY B 315 16.77 -20.19 -20.83
C GLY B 315 17.04 -18.84 -20.25
N TRP B 316 16.00 -18.03 -20.01
CA TRP B 316 16.18 -16.75 -19.30
C TRP B 316 16.28 -16.90 -17.77
N LEU B 317 15.82 -18.04 -17.25
CA LEU B 317 15.99 -18.34 -15.84
C LEU B 317 17.29 -19.13 -15.66
N LYS B 318 18.33 -18.43 -15.21
CA LYS B 318 19.68 -18.99 -15.17
C LYS B 318 20.26 -18.53 -13.84
N PRO B 319 20.07 -19.36 -12.78
CA PRO B 319 20.47 -18.88 -11.47
C PRO B 319 22.00 -18.63 -11.40
N VAL B 320 22.35 -17.62 -10.59
CA VAL B 320 23.75 -17.21 -10.43
C VAL B 320 24.21 -17.53 -8.99
N ILE B 321 25.34 -18.23 -8.85
CA ILE B 321 25.86 -18.60 -7.53
C ILE B 321 27.00 -17.64 -7.21
N GLY B 322 26.84 -16.92 -6.10
CA GLY B 322 27.83 -15.96 -5.65
C GLY B 322 28.82 -16.44 -4.62
N SER B 323 28.39 -17.35 -3.74
CA SER B 323 29.31 -17.91 -2.76
C SER B 323 28.88 -19.33 -2.39
N GLN B 324 29.84 -20.15 -2.02
CA GLN B 324 29.62 -21.56 -1.64
C GLN B 324 30.39 -21.92 -0.37
N TYR B 325 29.70 -22.58 0.56
CA TYR B 325 30.27 -22.96 1.85
C TYR B 325 30.06 -24.46 2.04
N PRO B 326 31.09 -25.15 2.56
CA PRO B 326 30.82 -26.53 3.01
C PRO B 326 29.86 -26.50 4.19
N LEU B 327 29.19 -27.61 4.44
CA LEU B 327 28.25 -27.72 5.56
C LEU B 327 28.90 -27.37 6.89
N GLU B 328 30.17 -27.75 7.08
CA GLU B 328 30.93 -27.46 8.31
C GLU B 328 31.02 -25.97 8.63
N LYS B 329 30.93 -25.14 7.60
CA LYS B 329 31.08 -23.67 7.71
C LYS B 329 29.72 -22.95 7.70
N VAL B 330 28.70 -23.66 8.13
CA VAL B 330 27.32 -23.11 8.17
C VAL B 330 27.17 -21.84 9.04
N ALA B 331 27.88 -21.78 10.18
CA ALA B 331 27.83 -20.60 11.05
C ALA B 331 28.42 -19.39 10.31
N GLU B 332 29.54 -19.56 9.62
CA GLU B 332 30.08 -18.54 8.73
C GLU B 332 29.12 -18.04 7.62
N ALA B 333 28.46 -19.00 6.97
CA ALA B 333 27.48 -18.71 5.91
C ALA B 333 26.38 -17.80 6.48
N HIS B 334 25.82 -18.19 7.62
CA HIS B 334 24.81 -17.38 8.30
C HIS B 334 25.32 -16.00 8.66
N GLU B 335 26.53 -15.93 9.20
CA GLU B 335 27.08 -14.64 9.59
C GLU B 335 27.22 -13.71 8.35
N ASN B 336 27.79 -14.27 7.29
CA ASN B 336 28.18 -13.53 6.09
C ASN B 336 27.01 -13.10 5.22
N ILE B 337 25.96 -13.90 5.20
CA ILE B 337 24.74 -13.48 4.48
C ILE B 337 24.11 -12.20 5.12
N ILE B 338 24.27 -12.03 6.43
CA ILE B 338 23.74 -10.83 7.11
C ILE B 338 24.77 -9.70 7.21
N HIS B 339 26.04 -10.04 7.43
CA HIS B 339 27.08 -9.05 7.75
C HIS B 339 28.28 -9.03 6.81
N GLY B 340 28.22 -9.75 5.69
CA GLY B 340 29.40 -10.01 4.85
C GLY B 340 29.66 -8.86 3.89
N SER B 341 30.53 -9.09 2.91
CA SER B 341 31.08 -7.96 2.11
C SER B 341 30.21 -7.48 0.92
N GLY B 342 29.24 -8.28 0.49
CA GLY B 342 28.49 -7.89 -0.68
C GLY B 342 28.13 -9.12 -1.51
N ALA B 343 26.86 -9.20 -1.90
CA ALA B 343 26.38 -10.39 -2.62
C ALA B 343 26.74 -10.27 -4.10
N THR B 344 26.99 -11.43 -4.70
CA THR B 344 27.27 -11.55 -6.13
C THR B 344 26.42 -12.74 -6.65
N GLY B 345 25.22 -12.87 -6.05
CA GLY B 345 24.31 -13.92 -6.45
C GLY B 345 23.91 -14.72 -5.22
N LYS B 346 23.45 -15.94 -5.45
CA LYS B 346 22.94 -16.79 -4.38
C LYS B 346 24.08 -17.35 -3.52
N MET B 347 23.85 -17.46 -2.22
CA MET B 347 24.78 -18.19 -1.36
C MET B 347 24.20 -19.59 -1.16
N ILE B 348 25.07 -20.59 -1.33
CA ILE B 348 24.71 -22.02 -1.15
C ILE B 348 25.62 -22.78 -0.22
N LEU B 349 25.04 -23.83 0.39
CA LEU B 349 25.85 -24.82 1.08
C LEU B 349 26.07 -26.02 0.12
N LEU B 350 27.30 -26.52 0.08
CA LEU B 350 27.62 -27.72 -0.70
C LEU B 350 27.73 -28.96 0.20
N LEU B 351 27.13 -30.07 -0.23
CA LEU B 351 27.14 -31.30 0.57
C LEU B 351 28.29 -32.23 0.21
#